data_8FX5
#
_entry.id   8FX5
#
_cell.length_a   1.00
_cell.length_b   1.00
_cell.length_c   1.00
_cell.angle_alpha   90.00
_cell.angle_beta   90.00
_cell.angle_gamma   90.00
#
_symmetry.space_group_name_H-M   'P 1'
#
loop_
_entity.id
_entity.type
_entity.pdbx_description
1 polymer 'Muscarinic acetylcholine receptor M4'
2 polymer 'Guanine nucleotide-binding protein G(I)/G(S)/G(T) subunit beta-1'
3 polymer 'Guanine nucleotide-binding protein G(I)/G(S)/G(O) subunit gamma-2'
4 polymer 'Antibody fragment scFv16'
5 polymer 'Guanine nucleotide-binding protein G(i) subunit alpha-1'
6 non-polymer xanomeline
7 water water
#
loop_
_entity_poly.entity_id
_entity_poly.type
_entity_poly.pdbx_seq_one_letter_code
_entity_poly.pdbx_strand_id
1 'polypeptide(L)'
;DYKDDDDAMANFTPVNGSSGNQSVRLVTSSSHNRYETVEMVFIATVTGSLSLVTVVGNILVMLSIKVNRQLQTVNNYFLF
SLACADLIIGAFSMNLYTVYIIKGYWPLGAVVCDLWLALDYVVSNASVMNLLIISFDRYFCVTKPLTYPARRTTKMAGLM
IAAAWVLSFVLWAPAILFWQFVVGKRTVPDNQCFIQFLSNPAVTFGTAIAAFYLPVVIMTVLYIHISLASRSRVHKHRPE
GPKEKKAKTKRQMAARERKVTRTIFAILLAFILTWTPYNVMVLVNTFCQSCIPDTVWSIGYWLCYVNSTINPACYALCNA
TFKKTFRHLLLCQYRNIGTARHHHHHHHH
;
R
2 'polypeptide(L)'
;HHHHHHGSSGSELDQLRQEAEQLKNQIRDARKACADATLSQITNNIDPVGRIQMRTRRTLRGHLAKIYAMHWGTDSRLLV
SASQDGKLIIWDSYTTNKVHAIPLRSSWVMTCAYAPSGNYVACGGLDNICSIYNLKTREGNVRVSRELAGHTGYLSCCRF
LDDNQIVTSSGDTTCALWDIETGQQTTTFTGHTGDVMSLSLAPDTRLFVSGACDASAKLWDVREGMCRQTFTGHESDINA
ICFFPNGNAFATGSDDATCRLFDLRADQELMTYSHDNIICGITSVSFSKSGRLLLAGYDDFNCNVWDALKADRAGVLAGH
DNRVSCLGVTDDGMAVATGSWDSFLKIWN
;
B
3 'polypeptide(L)' ASNNTASIAQARKLVEQLKMEANIDRIKVSKAAADLMAYCEAHAKEDPLLTPVPASENPFREKKFFCAIL G
4 'polypeptide(L)'
;DVQLVESGGGLVQPGGSRKLSCSASGFAFSSFGMHWVRQAPEKGLEWVAYISSGSGTIYYADTVKGRFTISRDDPKNTLF
LQMTSLRSEDTAMYYCVRSIYYYGSSPFDFWGQGTTLTVSSGGGGSGGGGSGGGGSDIVMTQATSSVPVTPGESVSISCR
SSKSLLHSNGNTYLYWFLQRPGQSPQLLIYRMSNLASGVPDRFSGSGSGTAFTLTISRLEAEDVGVYYCMQHLEYPLTFG
AGTKLELK
;
H
5 'polypeptide(L)'
;MGCTLSAEDKAAVERSKMIDRNLREDGEKAAREVKLLLLGAGESGKNTIVKQMKIIHEAGYSEEECKQYKAVVYSNTIQS
IIAIIRAMGRLKIDFGDSARADDARQLFVLAGAAEEGFMTAELAGVIKRLWKDSGVQACFNRSREYQLNDSAAYYLNDLD
RIAQPNYIPTQQDVLRTRVKTTGIVETHFTFKDLHFKMFDVGAQRSERKKWIHCFEGVTAIIFCVALSDYDLVLAEDEEM
NRMHASMKLFDSICNNKWFTDTSIILFLNKKDLFEEKIKKSPLTICYPEYAGSNTYEEAAAYIQCQFEDLNKRKDTKEIY
THFTCSTDTKNVQFVFDAVTDVIIKNNLKDCGLF
;
A
#
# COMPACT_ATOMS: atom_id res chain seq x y z
N MET A 40 -1.66 -51.17 27.97
CA MET A 40 -0.37 -50.80 28.56
C MET A 40 0.43 -49.90 27.62
N VAL A 41 0.97 -50.50 26.56
CA VAL A 41 1.64 -49.75 25.52
C VAL A 41 0.70 -49.37 24.37
N PHE A 42 -0.25 -50.25 24.05
CA PHE A 42 -1.24 -49.99 23.00
C PHE A 42 -2.09 -48.74 23.28
N ILE A 43 -2.65 -48.64 24.49
CA ILE A 43 -3.51 -47.52 24.84
C ILE A 43 -2.72 -46.21 24.91
N ALA A 44 -1.54 -46.24 25.56
CA ALA A 44 -0.70 -45.05 25.62
C ALA A 44 -0.21 -44.62 24.24
N THR A 45 0.04 -45.60 23.35
CA THR A 45 0.47 -45.29 21.99
C THR A 45 -0.64 -44.63 21.19
N VAL A 46 -1.86 -45.18 21.25
CA VAL A 46 -2.94 -44.61 20.45
C VAL A 46 -3.38 -43.26 21.02
N THR A 47 -3.29 -43.06 22.34
CA THR A 47 -3.68 -41.77 22.90
C THR A 47 -2.61 -40.71 22.66
N GLY A 48 -1.32 -41.10 22.68
CA GLY A 48 -0.28 -40.17 22.30
C GLY A 48 -0.33 -39.81 20.82
N SER A 49 -0.72 -40.77 19.97
CA SER A 49 -0.91 -40.48 18.56
C SER A 49 -2.07 -39.50 18.34
N LEU A 50 -3.18 -39.70 19.07
CA LEU A 50 -4.32 -38.79 18.96
C LEU A 50 -3.97 -37.39 19.45
N SER A 51 -3.26 -37.29 20.58
CA SER A 51 -2.85 -35.98 21.08
C SER A 51 -1.82 -35.32 20.17
N LEU A 52 -0.94 -36.11 19.55
CA LEU A 52 0.04 -35.54 18.63
C LEU A 52 -0.62 -35.03 17.36
N VAL A 53 -1.68 -35.71 16.89
CA VAL A 53 -2.42 -35.18 15.74
C VAL A 53 -3.16 -33.90 16.14
N THR A 54 -3.77 -33.90 17.33
CA THR A 54 -4.50 -32.73 17.83
C THR A 54 -3.58 -31.53 18.04
N VAL A 55 -2.29 -31.76 18.28
CA VAL A 55 -1.38 -30.66 18.50
C VAL A 55 -0.75 -30.20 17.19
N VAL A 56 -0.39 -31.14 16.32
CA VAL A 56 0.27 -30.82 15.05
C VAL A 56 -0.70 -30.10 14.12
N GLY A 57 -1.93 -30.60 13.99
CA GLY A 57 -2.93 -29.93 13.17
C GLY A 57 -3.20 -28.50 13.60
N ASN A 58 -3.45 -28.29 14.89
CA ASN A 58 -3.77 -26.94 15.38
C ASN A 58 -2.56 -26.00 15.29
N ILE A 59 -1.34 -26.51 15.40
CA ILE A 59 -0.22 -25.58 15.28
C ILE A 59 0.04 -25.30 13.81
N LEU A 60 -0.18 -26.27 12.92
CA LEU A 60 -0.13 -26.01 11.49
C LEU A 60 -1.18 -24.99 11.07
N VAL A 61 -2.35 -25.00 11.71
CA VAL A 61 -3.37 -23.97 11.48
C VAL A 61 -2.87 -22.60 11.92
N MET A 62 -2.30 -22.52 13.12
CA MET A 62 -1.83 -21.23 13.62
C MET A 62 -0.63 -20.71 12.82
N LEU A 63 0.24 -21.61 12.38
CA LEU A 63 1.38 -21.21 11.55
C LEU A 63 0.93 -20.85 10.14
N SER A 64 -0.13 -21.47 9.65
CA SER A 64 -0.68 -21.08 8.36
C SER A 64 -1.32 -19.70 8.43
N ILE A 65 -1.91 -19.36 9.58
CA ILE A 65 -2.46 -18.02 9.76
C ILE A 65 -1.32 -16.99 9.87
N LYS A 66 -0.26 -17.32 10.61
CA LYS A 66 0.81 -16.35 10.83
C LYS A 66 1.74 -16.19 9.63
N VAL A 67 2.00 -17.25 8.88
CA VAL A 67 2.93 -17.17 7.76
C VAL A 67 2.27 -16.54 6.54
N ASN A 68 1.14 -17.09 6.11
CA ASN A 68 0.44 -16.57 4.95
C ASN A 68 -0.30 -15.29 5.31
N ARG A 69 -0.20 -14.28 4.45
CA ARG A 69 -0.90 -13.03 4.66
C ARG A 69 -2.27 -13.00 4.00
N GLN A 70 -2.54 -13.91 3.06
CA GLN A 70 -3.89 -14.06 2.55
C GLN A 70 -4.84 -14.63 3.60
N LEU A 71 -4.32 -15.34 4.58
CA LEU A 71 -5.11 -15.93 5.65
C LEU A 71 -5.17 -15.04 6.89
N GLN A 72 -4.60 -13.83 6.81
CA GLN A 72 -4.69 -12.86 7.91
C GLN A 72 -5.93 -11.99 7.72
N THR A 73 -7.08 -12.60 7.99
CA THR A 73 -8.36 -11.92 7.84
C THR A 73 -9.10 -11.90 9.17
N VAL A 74 -10.22 -11.17 9.19
CA VAL A 74 -11.03 -11.09 10.40
C VAL A 74 -11.75 -12.40 10.68
N ASN A 75 -12.11 -13.13 9.62
CA ASN A 75 -12.77 -14.43 9.79
C ASN A 75 -11.83 -15.48 10.35
N ASN A 76 -10.53 -15.34 10.13
CA ASN A 76 -9.56 -16.33 10.58
C ASN A 76 -9.08 -16.13 12.01
N TYR A 77 -9.40 -14.99 12.64
CA TYR A 77 -9.05 -14.81 14.05
C TYR A 77 -9.87 -15.73 14.95
N PHE A 78 -11.12 -16.01 14.55
CA PHE A 78 -11.94 -16.97 15.27
C PHE A 78 -11.38 -18.38 15.12
N LEU A 79 -10.84 -18.70 13.94
CA LEU A 79 -10.18 -19.98 13.74
C LEU A 79 -8.88 -20.06 14.54
N PHE A 80 -8.19 -18.94 14.70
CA PHE A 80 -7.00 -18.89 15.54
C PHE A 80 -7.34 -19.15 17.00
N SER A 81 -8.46 -18.60 17.48
CA SER A 81 -8.88 -18.81 18.86
C SER A 81 -9.34 -20.25 19.08
N LEU A 82 -10.08 -20.80 18.11
CA LEU A 82 -10.49 -22.20 18.17
C LEU A 82 -9.28 -23.13 18.17
N ALA A 83 -8.28 -22.82 17.33
CA ALA A 83 -7.06 -23.61 17.26
C ALA A 83 -6.29 -23.56 18.57
N CYS A 84 -6.26 -22.38 19.21
CA CYS A 84 -5.60 -22.24 20.51
C CYS A 84 -6.29 -23.09 21.56
N ALA A 85 -7.62 -23.05 21.60
CA ALA A 85 -8.38 -23.86 22.56
C ALA A 85 -8.17 -25.35 22.33
N ASP A 86 -8.18 -25.78 21.07
CA ASP A 86 -7.94 -27.19 20.75
C ASP A 86 -6.51 -27.60 21.07
N LEU A 87 -5.54 -26.70 20.90
CA LEU A 87 -4.16 -26.97 21.31
C LEU A 87 -4.08 -27.23 22.80
N ILE A 88 -4.76 -26.38 23.60
CA ILE A 88 -4.78 -26.55 25.05
C ILE A 88 -5.42 -27.89 25.42
N ILE A 89 -6.52 -28.24 24.74
CA ILE A 89 -7.22 -29.50 25.04
C ILE A 89 -6.35 -30.70 24.70
N GLY A 90 -5.73 -30.69 23.51
CA GLY A 90 -4.94 -31.83 23.08
C GLY A 90 -3.63 -32.00 23.84
N ALA A 91 -2.90 -30.90 24.04
CA ALA A 91 -1.59 -30.98 24.69
C ALA A 91 -1.68 -31.26 26.19
N PHE A 92 -2.72 -30.77 26.87
CA PHE A 92 -2.77 -30.83 28.32
C PHE A 92 -3.80 -31.80 28.87
N SER A 93 -5.01 -31.83 28.31
CA SER A 93 -6.08 -32.61 28.93
C SER A 93 -6.04 -34.08 28.54
N MET A 94 -5.66 -34.36 27.28
CA MET A 94 -5.62 -35.74 26.81
C MET A 94 -4.55 -36.56 27.51
N ASN A 95 -3.40 -35.95 27.82
CA ASN A 95 -2.32 -36.69 28.47
C ASN A 95 -2.65 -36.99 29.93
N LEU A 96 -3.22 -36.02 30.65
CA LEU A 96 -3.68 -36.27 32.00
C LEU A 96 -4.83 -37.26 32.04
N TYR A 97 -5.70 -37.25 31.01
CA TYR A 97 -6.76 -38.25 30.98
C TYR A 97 -6.22 -39.63 30.68
N THR A 98 -5.24 -39.75 29.78
CA THR A 98 -4.75 -41.07 29.47
C THR A 98 -3.82 -41.62 30.56
N VAL A 99 -3.32 -40.76 31.45
CA VAL A 99 -2.57 -41.29 32.57
C VAL A 99 -3.52 -41.61 33.73
N TYR A 100 -4.66 -40.92 33.78
CA TYR A 100 -5.74 -41.29 34.69
C TYR A 100 -6.28 -42.67 34.33
N ILE A 101 -6.55 -42.91 33.06
CA ILE A 101 -7.11 -44.21 32.67
C ILE A 101 -6.05 -45.30 32.55
N ILE A 102 -4.76 -44.97 32.47
CA ILE A 102 -3.76 -46.05 32.47
C ILE A 102 -3.29 -46.37 33.88
N LYS A 103 -3.52 -45.47 34.85
CA LYS A 103 -3.24 -45.82 36.24
C LYS A 103 -4.39 -46.54 36.92
N GLY A 104 -5.62 -46.42 36.41
CA GLY A 104 -6.79 -46.94 37.07
C GLY A 104 -7.31 -46.09 38.22
N TYR A 105 -6.63 -44.99 38.53
CA TYR A 105 -7.00 -44.08 39.60
C TYR A 105 -6.23 -42.80 39.34
N TRP A 106 -6.48 -41.76 40.17
CA TRP A 106 -5.84 -40.46 40.01
C TRP A 106 -4.60 -40.34 40.90
N PRO A 107 -3.39 -40.55 40.37
CA PRO A 107 -2.20 -40.50 41.23
C PRO A 107 -1.80 -39.09 41.70
N LEU A 108 -1.95 -38.10 40.82
CA LEU A 108 -1.37 -36.77 41.00
C LEU A 108 -1.91 -36.01 42.23
N GLY A 109 -3.19 -36.14 42.56
CA GLY A 109 -3.71 -35.49 43.76
C GLY A 109 -4.88 -34.56 43.50
N ALA A 110 -5.45 -34.11 44.62
CA ALA A 110 -6.68 -33.31 44.64
C ALA A 110 -6.54 -31.92 44.02
N VAL A 111 -5.46 -31.19 44.37
CA VAL A 111 -5.31 -29.80 43.93
C VAL A 111 -5.18 -29.72 42.41
N VAL A 112 -4.34 -30.59 41.84
CA VAL A 112 -4.19 -30.66 40.40
C VAL A 112 -5.50 -31.15 39.77
N CYS A 113 -6.23 -32.05 40.45
CA CYS A 113 -7.51 -32.54 39.94
C CYS A 113 -8.50 -31.39 39.76
N ASP A 114 -8.58 -30.51 40.76
CA ASP A 114 -9.44 -29.33 40.65
C ASP A 114 -8.97 -28.38 39.56
N LEU A 115 -7.65 -28.18 39.45
CA LEU A 115 -7.11 -27.31 38.40
C LEU A 115 -7.35 -27.89 37.01
N TRP A 116 -7.11 -29.18 36.82
CA TRP A 116 -7.29 -29.83 35.53
C TRP A 116 -8.75 -29.83 35.11
N LEU A 117 -9.66 -30.10 36.04
CA LEU A 117 -11.09 -30.04 35.74
C LEU A 117 -11.50 -28.64 35.34
N ALA A 118 -11.01 -27.62 36.07
CA ALA A 118 -11.38 -26.24 35.80
C ALA A 118 -10.89 -25.82 34.43
N LEU A 119 -9.60 -26.07 34.16
CA LEU A 119 -8.99 -25.68 32.90
C LEU A 119 -9.65 -26.40 31.73
N ASP A 120 -9.88 -27.72 31.87
CA ASP A 120 -10.46 -28.53 30.78
C ASP A 120 -11.85 -28.03 30.42
N TYR A 121 -12.68 -27.78 31.44
CA TYR A 121 -14.05 -27.33 31.17
C TYR A 121 -14.08 -25.93 30.60
N VAL A 122 -13.22 -25.02 31.10
CA VAL A 122 -13.20 -23.66 30.58
C VAL A 122 -12.71 -23.65 29.13
N VAL A 123 -11.68 -24.44 28.80
CA VAL A 123 -11.14 -24.35 27.45
C VAL A 123 -11.92 -25.23 26.47
N SER A 124 -12.85 -26.05 26.95
CA SER A 124 -13.74 -26.75 26.05
C SER A 124 -15.01 -25.95 25.81
N ASN A 125 -15.53 -25.29 26.85
CA ASN A 125 -16.65 -24.39 26.66
C ASN A 125 -16.25 -23.17 25.85
N ALA A 126 -14.97 -22.78 25.89
CA ALA A 126 -14.52 -21.69 25.03
C ALA A 126 -14.45 -22.14 23.59
N SER A 127 -14.11 -23.41 23.35
CA SER A 127 -14.13 -23.96 21.99
C SER A 127 -15.55 -23.99 21.45
N VAL A 128 -16.53 -24.27 22.32
CA VAL A 128 -17.89 -24.38 21.83
C VAL A 128 -18.51 -22.98 21.64
N MET A 129 -18.10 -22.01 22.46
CA MET A 129 -18.52 -20.63 22.21
C MET A 129 -17.81 -20.06 20.99
N ASN A 130 -16.61 -20.55 20.69
CA ASN A 130 -15.94 -20.17 19.45
C ASN A 130 -16.67 -20.70 18.22
N LEU A 131 -17.14 -21.95 18.29
CA LEU A 131 -18.00 -22.48 17.22
C LEU A 131 -19.29 -21.67 17.08
N LEU A 132 -19.85 -21.23 18.21
CA LEU A 132 -21.09 -20.44 18.17
C LEU A 132 -20.87 -19.07 17.54
N ILE A 133 -19.76 -18.39 17.88
CA ILE A 133 -19.53 -17.07 17.29
C ILE A 133 -19.07 -17.19 15.84
N ILE A 134 -18.44 -18.31 15.46
CA ILE A 134 -18.18 -18.58 14.04
C ILE A 134 -19.50 -18.71 13.28
N SER A 135 -20.47 -19.43 13.86
CA SER A 135 -21.77 -19.59 13.22
C SER A 135 -22.51 -18.25 13.10
N PHE A 136 -22.43 -17.41 14.14
CA PHE A 136 -23.06 -16.09 14.09
C PHE A 136 -22.39 -15.18 13.07
N ASP A 137 -21.06 -15.22 12.99
CA ASP A 137 -20.33 -14.40 12.01
C ASP A 137 -20.64 -14.82 10.59
N ARG A 138 -20.74 -16.14 10.35
CA ARG A 138 -21.08 -16.62 9.01
C ARG A 138 -22.52 -16.28 8.65
N TYR A 139 -23.44 -16.37 9.62
CA TYR A 139 -24.83 -15.99 9.38
C TYR A 139 -24.96 -14.51 9.02
N PHE A 140 -24.25 -13.64 9.73
CA PHE A 140 -24.36 -12.22 9.42
C PHE A 140 -23.56 -11.84 8.18
N CYS A 141 -22.53 -12.60 7.81
CA CYS A 141 -21.84 -12.36 6.55
C CYS A 141 -22.67 -12.79 5.35
N VAL A 142 -23.50 -13.82 5.50
CA VAL A 142 -24.30 -14.29 4.38
C VAL A 142 -25.61 -13.52 4.27
N THR A 143 -26.36 -13.40 5.37
CA THR A 143 -27.69 -12.78 5.30
C THR A 143 -27.65 -11.26 5.23
N LYS A 144 -26.55 -10.63 5.63
CA LYS A 144 -26.35 -9.19 5.46
C LYS A 144 -25.02 -8.94 4.77
N PRO A 145 -24.94 -9.20 3.45
CA PRO A 145 -23.62 -9.26 2.81
C PRO A 145 -23.04 -7.90 2.48
N LEU A 146 -23.87 -6.87 2.35
CA LEU A 146 -23.37 -5.55 1.97
C LEU A 146 -22.96 -4.68 3.14
N THR A 147 -23.49 -4.94 4.34
CA THR A 147 -23.29 -4.08 5.48
C THR A 147 -22.34 -4.66 6.52
N TYR A 148 -22.54 -5.92 6.92
CA TYR A 148 -21.88 -6.53 8.07
C TYR A 148 -20.36 -6.68 7.95
N PRO A 149 -19.75 -7.07 6.81
CA PRO A 149 -18.27 -7.08 6.76
C PRO A 149 -17.63 -5.71 6.85
N ALA A 150 -18.38 -4.62 6.67
CA ALA A 150 -17.84 -3.29 6.94
C ALA A 150 -17.96 -2.93 8.42
N ARG A 151 -19.09 -3.27 9.04
CA ARG A 151 -19.30 -2.92 10.45
C ARG A 151 -18.44 -3.78 11.37
N ARG A 152 -18.28 -5.06 11.07
CA ARG A 152 -17.52 -5.97 11.90
C ARG A 152 -16.03 -5.74 11.65
N THR A 153 -15.39 -5.02 12.55
CA THR A 153 -13.96 -4.72 12.46
C THR A 153 -13.17 -5.73 13.29
N THR A 154 -11.87 -5.47 13.44
CA THR A 154 -11.03 -6.28 14.30
C THR A 154 -11.40 -6.11 15.77
N LYS A 155 -11.89 -4.92 16.14
CA LYS A 155 -12.29 -4.64 17.51
C LYS A 155 -13.48 -5.48 17.94
N MET A 156 -14.50 -5.59 17.09
CA MET A 156 -15.66 -6.41 17.41
C MET A 156 -15.32 -7.90 17.42
N ALA A 157 -14.38 -8.33 16.57
CA ALA A 157 -13.95 -9.72 16.57
C ALA A 157 -13.21 -10.07 17.85
N GLY A 158 -12.29 -9.19 18.27
CA GLY A 158 -11.61 -9.39 19.54
C GLY A 158 -12.55 -9.31 20.73
N LEU A 159 -13.57 -8.45 20.65
CA LEU A 159 -14.58 -8.34 21.70
C LEU A 159 -15.38 -9.63 21.80
N MET A 160 -15.76 -10.23 20.67
CA MET A 160 -16.53 -11.46 20.69
C MET A 160 -15.69 -12.64 21.19
N ILE A 161 -14.41 -12.70 20.78
CA ILE A 161 -13.53 -13.76 21.27
C ILE A 161 -13.30 -13.64 22.77
N ALA A 162 -13.03 -12.42 23.25
CA ALA A 162 -12.82 -12.20 24.68
C ALA A 162 -14.09 -12.46 25.47
N ALA A 163 -15.25 -12.11 24.91
CA ALA A 163 -16.52 -12.38 25.58
C ALA A 163 -16.79 -13.86 25.69
N ALA A 164 -16.47 -14.62 24.64
CA ALA A 164 -16.61 -16.07 24.67
C ALA A 164 -15.70 -16.70 25.72
N TRP A 165 -14.44 -16.24 25.79
CA TRP A 165 -13.49 -16.82 26.74
C TRP A 165 -13.88 -16.48 28.18
N VAL A 166 -14.27 -15.23 28.46
CA VAL A 166 -14.64 -14.89 29.82
C VAL A 166 -16.00 -15.48 30.19
N LEU A 167 -16.87 -15.74 29.22
CA LEU A 167 -18.13 -16.41 29.53
C LEU A 167 -17.90 -17.86 29.91
N SER A 168 -17.00 -18.54 29.20
CA SER A 168 -16.63 -19.92 29.57
C SER A 168 -15.96 -19.96 30.93
N PHE A 169 -15.07 -19.00 31.20
CA PHE A 169 -14.36 -18.93 32.48
C PHE A 169 -15.33 -18.69 33.63
N VAL A 170 -16.17 -17.65 33.53
CA VAL A 170 -17.16 -17.31 34.54
C VAL A 170 -18.16 -18.45 34.75
N LEU A 171 -18.50 -19.18 33.69
CA LEU A 171 -19.43 -20.29 33.83
C LEU A 171 -18.81 -21.48 34.56
N TRP A 172 -17.55 -21.82 34.25
CA TRP A 172 -17.05 -23.11 34.73
C TRP A 172 -16.05 -23.03 35.88
N ALA A 173 -15.15 -22.03 35.91
CA ALA A 173 -14.07 -22.05 36.90
C ALA A 173 -14.53 -21.85 38.35
N PRO A 174 -15.40 -20.87 38.69
CA PRO A 174 -15.81 -20.79 40.12
C PRO A 174 -16.72 -21.92 40.55
N ALA A 175 -17.40 -22.59 39.63
CA ALA A 175 -18.32 -23.66 40.03
C ALA A 175 -17.57 -24.95 40.27
N ILE A 176 -16.31 -25.02 39.85
CA ILE A 176 -15.47 -26.20 39.97
C ILE A 176 -14.47 -26.05 41.10
N LEU A 177 -13.71 -24.94 41.08
CA LEU A 177 -12.70 -24.72 42.12
C LEU A 177 -13.33 -24.46 43.49
N PHE A 178 -14.41 -23.68 43.54
CA PHE A 178 -14.97 -23.22 44.81
C PHE A 178 -16.26 -23.92 45.22
N TRP A 179 -16.61 -25.04 44.58
CA TRP A 179 -17.79 -25.81 45.00
C TRP A 179 -17.65 -26.34 46.43
N GLN A 180 -16.44 -26.79 46.80
CA GLN A 180 -16.21 -27.40 48.11
C GLN A 180 -16.46 -26.41 49.25
N PHE A 181 -16.04 -25.15 49.06
CA PHE A 181 -16.33 -24.11 50.05
C PHE A 181 -17.84 -23.87 50.18
N VAL A 182 -18.56 -23.96 49.05
CA VAL A 182 -20.00 -23.75 49.05
C VAL A 182 -20.72 -24.83 49.85
N VAL A 183 -20.56 -26.10 49.45
CA VAL A 183 -21.19 -27.20 50.18
C VAL A 183 -20.63 -27.32 51.59
N GLY A 184 -19.34 -27.05 51.78
CA GLY A 184 -18.69 -27.15 53.07
C GLY A 184 -17.91 -28.42 53.31
N LYS A 185 -17.88 -29.34 52.34
CA LYS A 185 -17.10 -30.57 52.41
C LYS A 185 -17.02 -31.22 51.03
N ARG A 186 -15.82 -31.56 50.59
CA ARG A 186 -15.66 -32.32 49.35
C ARG A 186 -16.29 -33.70 49.50
N THR A 187 -17.19 -34.05 48.57
CA THR A 187 -17.77 -35.38 48.57
C THR A 187 -17.00 -36.35 47.67
N VAL A 188 -16.18 -35.83 46.76
CA VAL A 188 -15.44 -36.65 45.80
C VAL A 188 -14.45 -37.55 46.53
N PRO A 189 -14.49 -38.86 46.34
CA PRO A 189 -13.47 -39.73 46.95
C PRO A 189 -12.10 -39.47 46.36
N ASP A 190 -11.08 -39.54 47.22
CA ASP A 190 -9.70 -39.46 46.77
C ASP A 190 -9.38 -40.63 45.85
N ASN A 191 -8.34 -40.43 45.02
CA ASN A 191 -7.78 -41.30 43.97
C ASN A 191 -8.68 -41.28 42.73
N GLN A 192 -9.78 -40.54 42.72
CA GLN A 192 -10.66 -40.43 41.56
C GLN A 192 -10.96 -38.96 41.32
N CYS A 193 -10.98 -38.57 40.05
CA CYS A 193 -11.21 -37.18 39.65
C CYS A 193 -12.45 -37.09 38.77
N PHE A 194 -13.44 -36.33 39.23
CA PHE A 194 -14.71 -36.12 38.54
C PHE A 194 -15.39 -34.89 39.13
N ILE A 195 -16.53 -34.51 38.55
CA ILE A 195 -17.23 -33.29 38.93
C ILE A 195 -18.02 -33.54 40.21
N GLN A 196 -17.89 -32.63 41.17
CA GLN A 196 -18.58 -32.80 42.46
C GLN A 196 -20.07 -32.56 42.34
N PHE A 197 -20.48 -31.58 41.52
CA PHE A 197 -21.88 -31.15 41.48
C PHE A 197 -22.75 -31.96 40.52
N LEU A 198 -22.24 -33.09 40.03
CA LEU A 198 -23.00 -33.96 39.12
C LEU A 198 -24.31 -34.43 39.74
N SER A 199 -24.32 -34.69 41.05
CA SER A 199 -25.50 -35.21 41.74
C SER A 199 -26.66 -34.21 41.69
N ASN A 200 -26.37 -32.94 41.99
CA ASN A 200 -27.37 -31.87 42.06
C ASN A 200 -27.97 -31.63 40.68
N PRO A 201 -29.26 -31.96 40.46
CA PRO A 201 -29.85 -31.81 39.12
C PRO A 201 -29.98 -30.38 38.62
N ALA A 202 -30.12 -29.39 39.51
CA ALA A 202 -30.35 -28.01 39.06
C ALA A 202 -29.14 -27.42 38.35
N VAL A 203 -27.96 -27.56 38.96
CA VAL A 203 -26.73 -27.07 38.35
C VAL A 203 -26.36 -27.95 37.14
N THR A 204 -26.66 -29.25 37.22
CA THR A 204 -26.44 -30.18 36.12
C THR A 204 -27.20 -29.74 34.87
N PHE A 205 -28.51 -29.57 35.00
CA PHE A 205 -29.35 -29.17 33.87
C PHE A 205 -28.96 -27.80 33.37
N GLY A 206 -28.73 -26.84 34.28
CA GLY A 206 -28.41 -25.48 33.86
C GLY A 206 -27.10 -25.42 33.08
N THR A 207 -26.13 -26.24 33.47
CA THR A 207 -24.83 -26.23 32.79
C THR A 207 -24.90 -26.97 31.47
N ALA A 208 -25.56 -28.14 31.46
CA ALA A 208 -25.76 -28.87 30.21
C ALA A 208 -26.50 -28.03 29.17
N ILE A 209 -27.56 -27.31 29.60
CA ILE A 209 -28.27 -26.40 28.71
C ILE A 209 -27.35 -25.30 28.20
N ALA A 210 -26.68 -24.58 29.13
CA ALA A 210 -25.88 -23.42 28.73
C ALA A 210 -24.57 -23.78 28.06
N ALA A 211 -24.18 -25.06 28.01
CA ALA A 211 -22.92 -25.46 27.41
C ALA A 211 -23.08 -26.19 26.08
N PHE A 212 -24.05 -27.08 25.95
CA PHE A 212 -24.24 -27.85 24.73
C PHE A 212 -25.61 -27.64 24.09
N TYR A 213 -26.69 -27.80 24.86
CA TYR A 213 -28.02 -27.93 24.25
C TYR A 213 -28.53 -26.60 23.69
N LEU A 214 -28.23 -25.49 24.35
CA LEU A 214 -28.59 -24.20 23.78
C LEU A 214 -27.71 -23.78 22.58
N PRO A 215 -26.37 -23.95 22.58
CA PRO A 215 -25.62 -23.60 21.36
C PRO A 215 -25.86 -24.53 20.18
N VAL A 216 -26.28 -25.78 20.39
CA VAL A 216 -26.43 -26.67 19.24
C VAL A 216 -27.69 -26.34 18.44
N VAL A 217 -28.76 -25.87 19.08
CA VAL A 217 -29.95 -25.54 18.32
C VAL A 217 -29.79 -24.18 17.65
N ILE A 218 -29.06 -23.26 18.28
CA ILE A 218 -28.75 -21.97 17.65
C ILE A 218 -27.85 -22.18 16.45
N MET A 219 -26.84 -23.05 16.58
CA MET A 219 -25.95 -23.35 15.45
C MET A 219 -26.70 -24.07 14.33
N THR A 220 -27.64 -24.95 14.68
CA THR A 220 -28.42 -25.66 13.67
C THR A 220 -29.33 -24.70 12.91
N VAL A 221 -30.02 -23.80 13.64
CA VAL A 221 -30.92 -22.84 13.01
C VAL A 221 -30.15 -21.85 12.13
N LEU A 222 -29.01 -21.36 12.63
CA LEU A 222 -28.20 -20.41 11.87
C LEU A 222 -27.61 -21.05 10.62
N TYR A 223 -27.15 -22.30 10.71
CA TYR A 223 -26.57 -22.94 9.53
C TYR A 223 -27.64 -23.37 8.54
N ILE A 224 -28.84 -23.70 9.02
CA ILE A 224 -29.98 -23.93 8.13
C ILE A 224 -30.30 -22.67 7.34
N HIS A 225 -30.33 -21.51 8.02
CA HIS A 225 -30.60 -20.28 7.28
C HIS A 225 -29.42 -19.83 6.44
N ILE A 226 -28.20 -20.27 6.75
CA ILE A 226 -27.06 -20.00 5.88
C ILE A 226 -27.20 -20.78 4.59
N SER A 227 -27.53 -22.07 4.69
CA SER A 227 -27.74 -22.90 3.50
C SER A 227 -28.96 -22.46 2.70
N LEU A 228 -29.95 -21.87 3.37
CA LEU A 228 -31.09 -21.32 2.63
C LEU A 228 -30.71 -20.04 1.90
N ALA A 229 -30.02 -19.12 2.57
CA ALA A 229 -29.65 -17.84 1.99
C ALA A 229 -28.43 -17.92 1.08
N SER A 230 -27.81 -19.09 0.93
CA SER A 230 -26.67 -19.26 0.04
C SER A 230 -27.07 -19.59 -1.39
N ARG A 231 -28.37 -19.70 -1.68
CA ARG A 231 -28.81 -19.97 -3.04
C ARG A 231 -28.72 -18.71 -3.90
N SER A 232 -28.45 -18.93 -5.18
CA SER A 232 -28.36 -17.82 -6.13
C SER A 232 -29.75 -17.25 -6.40
N ARG A 233 -29.92 -15.96 -6.19
CA ARG A 233 -31.20 -15.28 -6.39
C ARG A 233 -31.24 -14.47 -7.67
N VAL A 234 -30.16 -14.43 -8.44
CA VAL A 234 -30.13 -13.69 -9.69
C VAL A 234 -30.90 -14.44 -10.78
N ALA A 254 -27.82 -25.50 -7.38
CA ALA A 254 -26.56 -25.35 -8.09
C ALA A 254 -25.44 -26.08 -7.37
N ALA A 255 -24.21 -25.88 -7.85
CA ALA A 255 -23.05 -26.48 -7.19
C ALA A 255 -22.69 -25.76 -5.91
N ARG A 256 -22.95 -24.44 -5.85
CA ARG A 256 -22.58 -23.65 -4.68
C ARG A 256 -23.40 -24.04 -3.45
N GLU A 257 -24.72 -24.12 -3.62
CA GLU A 257 -25.60 -24.51 -2.52
C GLU A 257 -25.34 -25.93 -2.05
N ARG A 258 -25.03 -26.83 -2.99
CA ARG A 258 -24.70 -28.21 -2.63
C ARG A 258 -23.40 -28.29 -1.87
N LYS A 259 -22.38 -27.53 -2.29
CA LYS A 259 -21.09 -27.57 -1.61
C LYS A 259 -21.17 -26.99 -0.21
N VAL A 260 -21.88 -25.86 -0.07
CA VAL A 260 -21.98 -25.26 1.26
C VAL A 260 -22.90 -26.09 2.17
N THR A 261 -23.88 -26.80 1.59
CA THR A 261 -24.73 -27.63 2.45
C THR A 261 -24.03 -28.94 2.81
N ARG A 262 -23.07 -29.38 1.99
CA ARG A 262 -22.24 -30.52 2.39
C ARG A 262 -21.29 -30.13 3.52
N THR A 263 -20.69 -28.93 3.42
CA THR A 263 -19.82 -28.45 4.48
C THR A 263 -20.57 -28.23 5.79
N ILE A 264 -21.79 -27.67 5.69
CA ILE A 264 -22.62 -27.43 6.87
C ILE A 264 -23.04 -28.74 7.51
N PHE A 265 -23.45 -29.72 6.70
CA PHE A 265 -23.83 -31.03 7.20
C PHE A 265 -22.64 -31.73 7.86
N ALA A 266 -21.45 -31.58 7.28
CA ALA A 266 -20.25 -32.20 7.84
C ALA A 266 -19.91 -31.61 9.21
N ILE A 267 -19.93 -30.27 9.32
CA ILE A 267 -19.52 -29.67 10.60
C ILE A 267 -20.58 -29.86 11.67
N LEU A 268 -21.87 -29.84 11.29
CA LEU A 268 -22.93 -30.07 12.26
C LEU A 268 -22.95 -31.53 12.73
N LEU A 269 -22.72 -32.47 11.80
CA LEU A 269 -22.66 -33.88 12.16
C LEU A 269 -21.45 -34.16 13.05
N ALA A 270 -20.32 -33.50 12.77
CA ALA A 270 -19.13 -33.68 13.59
C ALA A 270 -19.35 -33.19 15.02
N PHE A 271 -19.91 -31.97 15.16
CA PHE A 271 -20.14 -31.42 16.49
C PHE A 271 -21.19 -32.22 17.27
N ILE A 272 -22.27 -32.64 16.60
CA ILE A 272 -23.33 -33.38 17.27
C ILE A 272 -22.84 -34.76 17.69
N LEU A 273 -22.17 -35.49 16.79
CA LEU A 273 -21.69 -36.82 17.11
C LEU A 273 -20.56 -36.81 18.14
N THR A 274 -19.81 -35.71 18.22
CA THR A 274 -18.77 -35.67 19.25
C THR A 274 -19.32 -35.28 20.62
N TRP A 275 -20.30 -34.38 20.68
CA TRP A 275 -20.71 -33.83 21.96
C TRP A 275 -22.06 -34.31 22.48
N THR A 276 -22.76 -35.19 21.74
CA THR A 276 -24.02 -35.77 22.20
C THR A 276 -23.91 -36.97 23.17
N PRO A 277 -22.91 -37.94 23.03
CA PRO A 277 -22.77 -39.00 24.06
C PRO A 277 -22.61 -38.54 25.50
N TYR A 278 -21.61 -37.68 25.77
CA TYR A 278 -21.39 -37.19 27.13
C TYR A 278 -22.62 -36.47 27.68
N ASN A 279 -23.27 -35.67 26.84
CA ASN A 279 -24.36 -34.83 27.32
C ASN A 279 -25.67 -35.58 27.46
N VAL A 280 -25.80 -36.78 26.88
CA VAL A 280 -26.91 -37.64 27.28
C VAL A 280 -26.51 -38.56 28.44
N MET A 281 -25.21 -38.85 28.60
CA MET A 281 -24.76 -39.63 29.74
C MET A 281 -24.91 -38.84 31.03
N VAL A 282 -24.71 -37.53 30.97
CA VAL A 282 -24.88 -36.66 32.13
C VAL A 282 -26.34 -36.68 32.60
N LEU A 283 -27.29 -36.66 31.65
CA LEU A 283 -28.70 -36.68 32.01
C LEU A 283 -29.14 -38.05 32.52
N VAL A 284 -28.60 -39.12 31.92
CA VAL A 284 -28.88 -40.47 32.42
C VAL A 284 -28.31 -40.65 33.83
N ASN A 285 -27.13 -40.08 34.09
CA ASN A 285 -26.52 -40.16 35.41
C ASN A 285 -27.31 -39.36 36.44
N THR A 286 -27.81 -38.18 36.07
CA THR A 286 -28.58 -37.40 37.03
C THR A 286 -30.01 -37.91 37.18
N PHE A 287 -30.47 -38.78 36.28
CA PHE A 287 -31.75 -39.46 36.51
C PHE A 287 -31.57 -40.84 37.16
N CYS A 288 -30.49 -41.54 36.81
CA CYS A 288 -30.16 -42.83 37.43
C CYS A 288 -28.69 -42.80 37.83
N GLN A 289 -28.44 -42.69 39.14
CA GLN A 289 -27.08 -42.53 39.65
C GLN A 289 -26.20 -43.75 39.42
N SER A 290 -26.78 -44.95 39.33
CA SER A 290 -26.02 -46.19 39.28
C SER A 290 -26.32 -46.99 38.01
N CYS A 291 -26.37 -46.32 36.86
CA CYS A 291 -26.70 -46.99 35.60
C CYS A 291 -25.52 -47.19 34.67
N ILE A 292 -24.57 -46.26 34.65
CA ILE A 292 -23.58 -46.16 33.58
C ILE A 292 -22.26 -46.78 34.03
N PRO A 293 -21.69 -47.70 33.27
CA PRO A 293 -20.32 -48.16 33.57
C PRO A 293 -19.30 -47.10 33.21
N ASP A 294 -18.10 -47.24 33.79
CA ASP A 294 -17.08 -46.21 33.64
C ASP A 294 -16.36 -46.28 32.30
N THR A 295 -16.41 -47.44 31.62
CA THR A 295 -15.92 -47.52 30.25
C THR A 295 -16.76 -46.65 29.31
N VAL A 296 -18.06 -46.54 29.59
CA VAL A 296 -18.93 -45.67 28.81
C VAL A 296 -18.58 -44.21 29.06
N TRP A 297 -18.38 -43.85 30.34
CA TRP A 297 -17.86 -42.54 30.72
C TRP A 297 -16.55 -42.21 29.98
N SER A 298 -15.69 -43.22 29.79
CA SER A 298 -14.39 -42.99 29.15
C SER A 298 -14.59 -42.72 27.68
N ILE A 299 -15.44 -43.54 27.03
CA ILE A 299 -15.76 -43.35 25.61
C ILE A 299 -16.36 -41.96 25.39
N GLY A 300 -17.24 -41.53 26.31
CA GLY A 300 -17.86 -40.21 26.21
C GLY A 300 -16.85 -39.09 26.29
N TYR A 301 -15.91 -39.19 27.26
CA TYR A 301 -14.86 -38.19 27.40
C TYR A 301 -13.98 -38.15 26.16
N TRP A 302 -13.60 -39.32 25.64
CA TRP A 302 -12.72 -39.39 24.48
C TRP A 302 -13.40 -38.80 23.25
N LEU A 303 -14.69 -39.09 23.06
CA LEU A 303 -15.45 -38.51 21.97
C LEU A 303 -15.52 -36.99 22.11
N CYS A 304 -15.68 -36.50 23.34
CA CYS A 304 -15.59 -35.06 23.56
C CYS A 304 -14.20 -34.51 23.24
N TYR A 305 -13.16 -35.34 23.31
CA TYR A 305 -11.81 -34.86 23.04
C TYR A 305 -11.52 -34.82 21.55
N VAL A 306 -11.99 -35.81 20.78
CA VAL A 306 -11.68 -35.90 19.35
C VAL A 306 -12.25 -34.76 18.52
N ASN A 307 -13.19 -33.97 19.06
CA ASN A 307 -13.71 -32.83 18.33
C ASN A 307 -12.63 -31.79 18.12
N SER A 308 -11.72 -31.64 19.08
CA SER A 308 -10.57 -30.76 18.94
C SER A 308 -9.65 -31.25 17.84
N THR A 309 -9.49 -32.57 17.74
CA THR A 309 -8.67 -33.16 16.69
C THR A 309 -9.27 -32.92 15.31
N ILE A 310 -10.60 -33.02 15.20
CA ILE A 310 -11.22 -32.93 13.87
C ILE A 310 -11.57 -31.49 13.48
N ASN A 311 -11.47 -30.53 14.41
CA ASN A 311 -11.85 -29.15 14.09
C ASN A 311 -11.00 -28.48 13.00
N PRO A 312 -9.64 -28.62 12.93
CA PRO A 312 -8.93 -28.09 11.75
C PRO A 312 -9.43 -28.63 10.42
N ALA A 313 -9.78 -29.91 10.35
CA ALA A 313 -10.23 -30.49 9.10
C ALA A 313 -11.63 -30.00 8.74
N CYS A 314 -12.45 -29.67 9.74
CA CYS A 314 -13.81 -29.23 9.50
C CYS A 314 -13.92 -27.72 9.27
N TYR A 315 -12.97 -26.93 9.76
CA TYR A 315 -13.08 -25.47 9.63
C TYR A 315 -11.96 -24.88 8.80
N ALA A 316 -10.70 -25.20 9.10
CA ALA A 316 -9.59 -24.61 8.37
C ALA A 316 -9.44 -25.23 6.99
N LEU A 317 -9.39 -26.57 6.93
CA LEU A 317 -9.09 -27.29 5.70
C LEU A 317 -10.22 -27.27 4.67
N CYS A 318 -11.38 -26.68 4.97
CA CYS A 318 -12.37 -26.45 3.93
C CYS A 318 -11.95 -25.35 2.97
N ASN A 319 -11.07 -24.44 3.41
CA ASN A 319 -10.52 -23.41 2.54
C ASN A 319 -9.31 -23.96 1.81
N ALA A 320 -9.26 -23.75 0.49
CA ALA A 320 -8.20 -24.31 -0.33
C ALA A 320 -6.86 -23.63 -0.08
N THR A 321 -6.88 -22.37 0.38
CA THR A 321 -5.64 -21.68 0.74
C THR A 321 -4.97 -22.34 1.93
N PHE A 322 -5.76 -22.73 2.93
CA PHE A 322 -5.24 -23.54 4.03
C PHE A 322 -4.72 -24.88 3.53
N LYS A 323 -5.38 -25.47 2.52
CA LYS A 323 -4.98 -26.78 2.01
C LYS A 323 -3.64 -26.71 1.30
N LYS A 324 -3.38 -25.61 0.59
CA LYS A 324 -2.08 -25.47 -0.05
C LYS A 324 -1.01 -24.86 0.85
N THR A 325 -1.41 -24.25 1.97
CA THR A 325 -0.42 -23.83 2.95
C THR A 325 0.00 -24.99 3.84
N PHE A 326 -0.90 -25.97 4.05
CA PHE A 326 -0.56 -27.16 4.83
C PHE A 326 0.46 -28.03 4.12
N ARG A 327 0.33 -28.17 2.79
CA ARG A 327 1.28 -28.99 2.03
C ARG A 327 2.65 -28.33 1.97
N HIS A 328 2.71 -27.00 2.09
CA HIS A 328 3.97 -26.28 2.14
C HIS A 328 4.50 -26.17 3.56
N LEU A 329 3.78 -26.71 4.55
CA LEU A 329 4.18 -26.82 5.96
C LEU A 329 4.53 -25.48 6.60
N SER B 11 6.59 1.57 -57.93
CA SER B 11 7.69 0.67 -57.61
C SER B 11 8.60 1.28 -56.56
N GLU B 12 8.25 2.49 -56.12
CA GLU B 12 9.06 3.22 -55.15
C GLU B 12 9.13 2.49 -53.81
N LEU B 13 8.01 1.92 -53.37
CA LEU B 13 7.91 1.26 -52.07
C LEU B 13 8.88 0.08 -51.94
N ASP B 14 8.96 -0.74 -52.99
CA ASP B 14 9.86 -1.90 -52.98
C ASP B 14 11.32 -1.43 -52.99
N GLN B 15 11.61 -0.33 -53.69
CA GLN B 15 12.98 0.19 -53.72
C GLN B 15 13.37 0.78 -52.37
N LEU B 16 12.42 1.46 -51.71
CA LEU B 16 12.64 1.97 -50.36
C LEU B 16 12.88 0.84 -49.37
N ARG B 17 12.06 -0.22 -49.42
CA ARG B 17 12.25 -1.31 -48.47
C ARG B 17 13.49 -2.15 -48.76
N GLN B 18 13.98 -2.16 -50.01
CA GLN B 18 15.21 -2.93 -50.24
C GLN B 18 16.41 -2.11 -49.80
N GLU B 19 16.37 -0.79 -50.04
CA GLU B 19 17.42 0.09 -49.51
C GLU B 19 17.43 0.06 -47.99
N ALA B 20 16.25 -0.08 -47.35
CA ALA B 20 16.17 -0.23 -45.91
C ALA B 20 16.82 -1.53 -45.44
N GLU B 21 16.62 -2.62 -46.21
CA GLU B 21 17.20 -3.88 -45.77
C GLU B 21 18.70 -3.92 -46.05
N GLN B 22 19.15 -3.15 -47.04
CA GLN B 22 20.59 -3.00 -47.29
C GLN B 22 21.24 -2.17 -46.19
N LEU B 23 20.55 -1.11 -45.73
CA LEU B 23 21.06 -0.32 -44.62
C LEU B 23 21.10 -1.12 -43.33
N LYS B 24 20.13 -2.02 -43.13
CA LYS B 24 20.13 -2.85 -41.93
C LYS B 24 21.26 -3.88 -42.00
N ASN B 25 21.52 -4.42 -43.20
CA ASN B 25 22.63 -5.33 -43.38
C ASN B 25 23.97 -4.64 -43.16
N GLN B 26 24.09 -3.39 -43.61
CA GLN B 26 25.30 -2.61 -43.39
C GLN B 26 25.53 -2.32 -41.91
N ILE B 27 24.46 -1.99 -41.17
CA ILE B 27 24.58 -1.77 -39.73
C ILE B 27 24.99 -3.05 -39.02
N ARG B 28 24.39 -4.18 -39.41
CA ARG B 28 24.73 -5.47 -38.81
C ARG B 28 26.17 -5.88 -39.11
N ASP B 29 26.64 -5.58 -40.33
CA ASP B 29 28.02 -5.91 -40.69
C ASP B 29 29.01 -5.00 -39.98
N ALA B 30 28.66 -3.73 -39.74
CA ALA B 30 29.56 -2.85 -39.01
C ALA B 30 29.65 -3.25 -37.54
N ARG B 31 28.51 -3.68 -36.97
CA ARG B 31 28.50 -4.19 -35.60
C ARG B 31 29.32 -5.46 -35.49
N LYS B 32 29.19 -6.36 -36.48
CA LYS B 32 29.98 -7.58 -36.48
C LYS B 32 31.47 -7.26 -36.64
N ALA B 33 31.78 -6.24 -37.44
CA ALA B 33 33.17 -5.83 -37.65
C ALA B 33 33.81 -5.33 -36.37
N CYS B 34 33.09 -4.56 -35.56
CA CYS B 34 33.72 -4.02 -34.35
C CYS B 34 33.64 -4.97 -33.17
N ALA B 35 32.98 -6.12 -33.32
CA ALA B 35 32.88 -7.14 -32.28
C ALA B 35 34.13 -8.04 -32.31
N ASP B 36 35.24 -7.50 -31.81
CA ASP B 36 36.49 -8.24 -31.85
C ASP B 36 36.63 -9.22 -30.69
N ALA B 37 36.01 -8.91 -29.54
CA ALA B 37 36.05 -9.76 -28.37
C ALA B 37 34.70 -9.64 -27.66
N THR B 38 34.54 -10.36 -26.55
CA THR B 38 33.34 -10.25 -25.73
C THR B 38 33.71 -9.75 -24.35
N LEU B 39 32.68 -9.31 -23.62
CA LEU B 39 32.86 -8.89 -22.23
C LEU B 39 33.19 -10.07 -21.33
N SER B 40 32.67 -11.25 -21.64
CA SER B 40 32.97 -12.45 -20.84
C SER B 40 34.41 -12.89 -20.99
N GLN B 41 35.03 -12.66 -22.15
CA GLN B 41 36.42 -13.05 -22.36
C GLN B 41 37.41 -12.10 -21.68
N ILE B 42 37.00 -10.86 -21.41
CA ILE B 42 37.91 -9.88 -20.82
C ILE B 42 37.84 -9.89 -19.30
N THR B 43 36.63 -9.98 -18.74
CA THR B 43 36.45 -10.09 -17.29
C THR B 43 36.51 -11.53 -16.80
N ASN B 44 37.16 -12.42 -17.56
CA ASN B 44 37.29 -13.81 -17.15
C ASN B 44 38.34 -14.01 -16.07
N ASN B 45 39.24 -13.05 -15.88
CA ASN B 45 40.34 -13.19 -14.94
C ASN B 45 40.24 -12.24 -13.75
N ILE B 46 39.20 -11.42 -13.68
CA ILE B 46 38.98 -10.62 -12.47
C ILE B 46 38.33 -11.48 -11.41
N ASP B 47 38.37 -11.00 -10.17
CA ASP B 47 37.83 -11.84 -9.11
C ASP B 47 36.31 -11.68 -9.03
N PRO B 48 35.59 -12.72 -8.65
CA PRO B 48 34.13 -12.60 -8.49
C PRO B 48 33.78 -11.77 -7.26
N VAL B 49 32.57 -11.20 -7.31
CA VAL B 49 32.07 -10.37 -6.23
C VAL B 49 31.89 -11.19 -4.94
N GLY B 50 31.42 -12.43 -5.07
CA GLY B 50 31.14 -13.26 -3.93
C GLY B 50 29.65 -13.48 -3.80
N ARG B 51 29.17 -13.70 -2.58
CA ARG B 51 27.75 -13.82 -2.32
C ARG B 51 27.27 -12.57 -1.61
N ILE B 52 26.32 -11.88 -2.22
CA ILE B 52 25.78 -10.64 -1.68
C ILE B 52 24.53 -11.00 -0.88
N GLN B 53 24.62 -10.87 0.45
CA GLN B 53 23.49 -11.11 1.34
C GLN B 53 23.00 -9.78 1.90
N MET B 54 21.85 -9.34 1.43
CA MET B 54 21.24 -8.10 1.90
C MET B 54 20.05 -8.44 2.78
N ARG B 55 19.83 -7.61 3.80
CA ARG B 55 18.75 -7.84 4.74
C ARG B 55 17.77 -6.68 4.68
N THR B 56 16.55 -6.93 5.13
CA THR B 56 15.52 -5.89 5.12
C THR B 56 15.75 -5.00 6.32
N ARG B 57 16.31 -3.81 6.09
CA ARG B 57 16.50 -2.85 7.16
C ARG B 57 15.19 -2.19 7.57
N ARG B 58 14.34 -1.85 6.61
CA ARG B 58 13.12 -1.12 6.88
C ARG B 58 11.98 -1.71 6.07
N THR B 59 10.77 -1.58 6.60
CA THR B 59 9.55 -1.95 5.88
C THR B 59 8.60 -0.77 5.96
N LEU B 60 8.11 -0.34 4.80
CA LEU B 60 7.27 0.86 4.71
C LEU B 60 5.83 0.41 4.45
N ARG B 61 5.01 0.45 5.50
CA ARG B 61 3.62 0.03 5.43
C ARG B 61 2.71 1.24 5.41
N GLY B 62 1.52 1.06 4.83
CA GLY B 62 0.58 2.15 4.69
C GLY B 62 -0.20 2.10 3.39
N HIS B 63 0.46 1.68 2.31
CA HIS B 63 -0.24 1.47 1.05
C HIS B 63 -1.20 0.29 1.17
N LEU B 64 -2.37 0.42 0.53
CA LEU B 64 -3.40 -0.59 0.64
C LEU B 64 -3.73 -1.28 -0.68
N ALA B 65 -3.01 -0.94 -1.75
CA ALA B 65 -3.18 -1.58 -3.05
C ALA B 65 -1.78 -1.80 -3.61
N LYS B 66 -1.72 -2.31 -4.84
CA LYS B 66 -0.45 -2.61 -5.48
C LYS B 66 0.37 -1.34 -5.68
N ILE B 67 1.65 -1.41 -5.34
CA ILE B 67 2.59 -0.31 -5.56
C ILE B 67 3.18 -0.49 -6.96
N TYR B 68 3.04 0.54 -7.79
CA TYR B 68 3.49 0.41 -9.17
C TYR B 68 4.84 1.07 -9.45
N ALA B 69 5.21 2.11 -8.70
CA ALA B 69 6.44 2.83 -9.01
C ALA B 69 6.97 3.52 -7.77
N MET B 70 8.30 3.51 -7.63
CA MET B 70 8.97 4.23 -6.55
C MET B 70 10.14 4.99 -7.17
N HIS B 71 10.41 6.17 -6.63
CA HIS B 71 11.55 6.95 -7.09
C HIS B 71 12.25 7.61 -5.92
N TRP B 72 13.56 7.40 -5.81
CA TRP B 72 14.32 7.97 -4.72
C TRP B 72 14.58 9.45 -4.97
N GLY B 73 14.80 10.19 -3.88
CA GLY B 73 15.20 11.57 -3.99
C GLY B 73 16.71 11.70 -3.98
N THR B 74 17.20 12.84 -4.45
CA THR B 74 18.65 13.04 -4.55
C THR B 74 19.33 13.09 -3.20
N ASP B 75 18.60 13.39 -2.12
CA ASP B 75 19.16 13.40 -0.78
C ASP B 75 19.47 11.98 -0.28
N SER B 76 18.89 10.96 -0.91
CA SER B 76 19.03 9.54 -0.60
C SER B 76 18.37 9.19 0.74
N ARG B 77 17.36 9.96 1.13
CA ARG B 77 16.64 9.72 2.36
C ARG B 77 15.14 9.66 2.10
N LEU B 78 14.62 10.62 1.33
CA LEU B 78 13.20 10.71 1.03
C LEU B 78 12.91 9.95 -0.25
N LEU B 79 11.77 9.27 -0.29
CA LEU B 79 11.37 8.59 -1.52
C LEU B 79 9.87 8.77 -1.73
N VAL B 80 9.44 8.75 -2.97
CA VAL B 80 8.02 8.80 -3.30
C VAL B 80 7.60 7.44 -3.84
N SER B 81 6.40 7.00 -3.43
CA SER B 81 5.80 5.78 -3.94
C SER B 81 4.41 6.09 -4.47
N ALA B 82 3.97 5.28 -5.44
CA ALA B 82 2.67 5.44 -6.06
C ALA B 82 1.92 4.12 -6.00
N SER B 83 0.68 4.15 -5.51
CA SER B 83 -0.09 2.92 -5.48
C SER B 83 -1.46 3.15 -6.13
N GLN B 84 -2.09 2.06 -6.55
CA GLN B 84 -3.33 2.19 -7.30
C GLN B 84 -4.56 2.44 -6.43
N ASP B 85 -4.40 2.52 -5.10
CA ASP B 85 -5.53 2.91 -4.25
C ASP B 85 -5.91 4.36 -4.54
N GLY B 86 -4.92 5.18 -4.88
CA GLY B 86 -5.13 6.57 -5.22
C GLY B 86 -4.23 7.49 -4.43
N LYS B 87 -3.08 6.98 -4.01
CA LYS B 87 -2.20 7.76 -3.14
C LYS B 87 -0.74 7.71 -3.57
N LEU B 88 -0.12 8.88 -3.50
CA LEU B 88 1.32 9.07 -3.57
C LEU B 88 1.80 9.32 -2.15
N ILE B 89 2.84 8.62 -1.72
CA ILE B 89 3.36 8.82 -0.37
C ILE B 89 4.83 9.17 -0.45
N ILE B 90 5.20 10.31 0.13
CA ILE B 90 6.61 10.64 0.35
C ILE B 90 6.97 10.16 1.75
N TRP B 91 7.94 9.25 1.80
CA TRP B 91 8.43 8.61 3.00
C TRP B 91 9.80 9.16 3.37
N ASP B 92 10.03 9.27 4.68
CA ASP B 92 11.35 9.45 5.26
C ASP B 92 11.86 8.05 5.60
N SER B 93 12.78 7.53 4.79
CA SER B 93 13.16 6.12 4.89
C SER B 93 14.03 5.81 6.10
N TYR B 94 14.60 6.81 6.75
CA TYR B 94 15.43 6.54 7.93
C TYR B 94 14.57 6.18 9.13
N THR B 95 13.44 6.86 9.30
CA THR B 95 12.57 6.69 10.46
C THR B 95 11.24 6.05 10.13
N THR B 96 10.99 5.68 8.86
CA THR B 96 9.73 5.18 8.32
C THR B 96 8.57 6.15 8.52
N ASN B 97 8.83 7.43 8.71
CA ASN B 97 7.77 8.40 8.85
C ASN B 97 7.20 8.76 7.48
N LYS B 98 5.88 8.86 7.39
CA LYS B 98 5.24 9.37 6.19
C LYS B 98 5.33 10.89 6.21
N VAL B 99 6.08 11.45 5.26
CA VAL B 99 6.19 12.90 5.20
C VAL B 99 4.98 13.50 4.52
N HIS B 100 4.52 12.90 3.42
CA HIS B 100 3.34 13.42 2.74
C HIS B 100 2.49 12.28 2.21
N ALA B 101 1.19 12.51 2.19
CA ALA B 101 0.23 11.64 1.50
C ALA B 101 -0.61 12.51 0.57
N ILE B 102 -0.48 12.27 -0.73
CA ILE B 102 -1.13 13.07 -1.78
C ILE B 102 -2.22 12.21 -2.40
N PRO B 103 -3.49 12.58 -2.28
CA PRO B 103 -4.54 11.84 -2.99
C PRO B 103 -4.59 12.26 -4.45
N LEU B 104 -4.71 11.28 -5.33
CA LEU B 104 -4.70 11.52 -6.75
C LEU B 104 -6.11 11.63 -7.31
N ARG B 105 -6.26 12.45 -8.35
CA ARG B 105 -7.56 12.58 -9.02
C ARG B 105 -7.92 11.33 -9.80
N SER B 106 -6.93 10.63 -10.32
CA SER B 106 -7.12 9.35 -11.01
C SER B 106 -6.27 8.32 -10.30
N SER B 107 -6.90 7.25 -9.82
CA SER B 107 -6.19 6.25 -9.02
C SER B 107 -5.41 5.25 -9.86
N TRP B 108 -5.43 5.35 -11.18
CA TRP B 108 -4.77 4.36 -12.03
C TRP B 108 -3.35 4.76 -12.38
N VAL B 109 -2.57 5.08 -11.36
CA VAL B 109 -1.20 5.57 -11.53
C VAL B 109 -0.26 4.41 -11.83
N MET B 110 0.60 4.60 -12.84
CA MET B 110 1.60 3.61 -13.21
C MET B 110 3.03 4.08 -12.99
N THR B 111 3.27 5.39 -12.90
CA THR B 111 4.61 5.94 -12.76
C THR B 111 4.63 7.10 -11.77
N CYS B 112 5.75 7.24 -11.07
CA CYS B 112 5.98 8.37 -10.19
C CYS B 112 7.42 8.84 -10.33
N ALA B 113 7.64 10.13 -10.08
CA ALA B 113 8.98 10.70 -10.14
C ALA B 113 9.20 11.72 -9.03
N TYR B 114 10.44 11.82 -8.59
CA TYR B 114 10.89 12.81 -7.62
C TYR B 114 11.83 13.78 -8.32
N ALA B 115 11.56 15.08 -8.23
CA ALA B 115 12.41 16.07 -8.87
C ALA B 115 13.77 16.11 -8.18
N PRO B 116 14.85 16.39 -8.93
CA PRO B 116 16.20 16.46 -8.31
C PRO B 116 16.33 17.51 -7.23
N SER B 117 15.68 18.66 -7.40
CA SER B 117 15.68 19.70 -6.37
C SER B 117 14.96 19.23 -5.12
N GLY B 118 13.89 18.44 -5.28
CA GLY B 118 13.07 18.01 -4.18
C GLY B 118 11.81 18.81 -3.99
N ASN B 119 11.51 19.74 -4.90
CA ASN B 119 10.38 20.64 -4.77
C ASN B 119 9.11 20.12 -5.40
N TYR B 120 9.21 19.14 -6.30
CA TYR B 120 8.05 18.68 -7.06
C TYR B 120 8.08 17.16 -7.19
N VAL B 121 6.90 16.60 -7.42
CA VAL B 121 6.75 15.19 -7.76
C VAL B 121 5.78 15.11 -8.93
N ALA B 122 5.87 14.02 -9.69
CA ALA B 122 4.99 13.84 -10.82
C ALA B 122 4.39 12.43 -10.81
N CYS B 123 3.21 12.30 -11.39
CA CYS B 123 2.61 10.98 -11.51
C CYS B 123 1.84 10.88 -12.81
N GLY B 124 1.95 9.73 -13.46
CA GLY B 124 1.27 9.48 -14.71
C GLY B 124 0.59 8.12 -14.66
N GLY B 125 -0.41 7.97 -15.50
CA GLY B 125 -1.20 6.75 -15.45
C GLY B 125 -2.09 6.59 -16.64
N LEU B 126 -3.12 5.76 -16.46
CA LEU B 126 -4.11 5.48 -17.51
C LEU B 126 -4.95 6.69 -17.89
N ASP B 127 -4.93 7.76 -17.08
CA ASP B 127 -5.63 9.01 -17.38
C ASP B 127 -5.00 9.79 -18.53
N ASN B 128 -3.80 9.41 -18.98
CA ASN B 128 -3.05 10.01 -20.10
C ASN B 128 -2.55 11.42 -19.76
N ILE B 129 -2.43 11.75 -18.48
CA ILE B 129 -2.06 13.08 -18.02
C ILE B 129 -0.90 12.89 -17.05
N CYS B 130 0.01 13.87 -17.01
CA CYS B 130 1.12 13.87 -16.06
C CYS B 130 0.87 14.98 -15.05
N SER B 131 0.58 14.61 -13.81
CA SER B 131 0.25 15.56 -12.76
C SER B 131 1.52 15.95 -12.00
N ILE B 132 1.89 17.23 -12.10
CA ILE B 132 3.01 17.81 -11.39
C ILE B 132 2.50 18.44 -10.11
N TYR B 133 2.97 17.94 -8.97
CA TYR B 133 2.60 18.41 -7.63
C TYR B 133 3.74 19.19 -7.01
N ASN B 134 3.41 20.32 -6.40
CA ASN B 134 4.36 21.21 -5.73
C ASN B 134 4.38 20.87 -4.25
N LEU B 135 5.57 20.48 -3.75
CA LEU B 135 5.71 20.02 -2.39
C LEU B 135 6.08 21.12 -1.41
N LYS B 136 6.46 22.30 -1.88
CA LYS B 136 6.97 23.37 -1.02
C LYS B 136 6.08 24.60 -1.19
N THR B 137 4.89 24.56 -0.61
CA THR B 137 3.93 25.64 -0.72
C THR B 137 3.88 26.42 0.58
N ARG B 138 3.39 27.66 0.49
CA ARG B 138 3.22 28.46 1.69
C ARG B 138 2.02 28.01 2.51
N GLU B 139 1.07 27.31 1.90
CA GLU B 139 -0.14 26.87 2.59
C GLU B 139 0.08 25.62 3.43
N GLY B 140 1.22 24.95 3.29
CA GLY B 140 1.50 23.74 4.04
C GLY B 140 0.90 22.47 3.48
N ASN B 141 0.11 22.54 2.42
CA ASN B 141 -0.39 21.35 1.74
C ASN B 141 0.29 21.19 0.39
N VAL B 142 0.15 20.00 -0.18
CA VAL B 142 0.58 19.71 -1.54
C VAL B 142 -0.61 19.88 -2.48
N ARG B 143 -0.43 20.67 -3.53
CA ARG B 143 -1.47 20.96 -4.49
C ARG B 143 -0.96 20.71 -5.90
N VAL B 144 -1.89 20.49 -6.82
CA VAL B 144 -1.56 20.28 -8.22
C VAL B 144 -0.99 21.56 -8.79
N SER B 145 0.25 21.49 -9.27
CA SER B 145 0.82 22.66 -9.94
C SER B 145 0.64 22.61 -11.44
N ARG B 146 0.56 21.42 -12.04
CA ARG B 146 0.41 21.32 -13.48
C ARG B 146 -0.25 20.00 -13.84
N GLU B 147 -0.97 20.00 -14.96
CA GLU B 147 -1.52 18.76 -15.54
C GLU B 147 -1.15 18.73 -17.02
N LEU B 148 -0.09 18.01 -17.34
CA LEU B 148 0.44 17.91 -18.69
C LEU B 148 -0.40 16.93 -19.50
N ALA B 149 -1.20 17.46 -20.42
CA ALA B 149 -2.08 16.67 -21.27
C ALA B 149 -1.61 16.77 -22.72
N GLY B 150 -1.88 15.72 -23.49
CA GLY B 150 -1.39 15.66 -24.85
C GLY B 150 -1.10 14.27 -25.36
N HIS B 151 -0.63 13.39 -24.48
CA HIS B 151 -0.45 11.98 -24.84
C HIS B 151 -1.81 11.32 -25.05
N THR B 152 -1.84 10.34 -25.96
CA THR B 152 -3.07 9.63 -26.27
C THR B 152 -3.03 8.20 -25.73
N GLY B 153 -2.04 7.90 -24.87
CA GLY B 153 -1.91 6.60 -24.27
C GLY B 153 -1.44 6.78 -22.85
N TYR B 154 -1.48 5.68 -22.08
CA TYR B 154 -1.12 5.72 -20.66
C TYR B 154 0.33 6.12 -20.51
N LEU B 155 0.64 6.84 -19.43
CA LEU B 155 2.04 7.16 -19.13
C LEU B 155 2.71 6.03 -18.38
N SER B 156 3.87 5.62 -18.88
CA SER B 156 4.62 4.50 -18.33
C SER B 156 5.82 4.93 -17.50
N CYS B 157 6.57 5.95 -17.92
CA CYS B 157 7.66 6.48 -17.12
C CYS B 157 7.80 7.98 -17.34
N CYS B 158 8.08 8.71 -16.26
CA CYS B 158 8.36 10.14 -16.31
C CYS B 158 9.59 10.43 -15.46
N ARG B 159 10.56 11.15 -16.03
CA ARG B 159 11.74 11.58 -15.27
C ARG B 159 11.96 13.08 -15.41
N PHE B 160 12.25 13.76 -14.30
CA PHE B 160 12.55 15.18 -14.32
C PHE B 160 13.99 15.44 -14.74
N LEU B 161 14.18 16.43 -15.60
CA LEU B 161 15.53 16.90 -15.91
C LEU B 161 15.93 18.05 -15.01
N ASP B 162 14.95 18.87 -14.65
CA ASP B 162 15.07 20.01 -13.77
C ASP B 162 13.64 20.38 -13.37
N ASP B 163 13.50 21.46 -12.61
CA ASP B 163 12.19 21.87 -12.12
C ASP B 163 11.24 22.29 -13.24
N ASN B 164 11.76 22.71 -14.40
CA ASN B 164 10.90 23.19 -15.48
C ASN B 164 10.77 22.24 -16.67
N GLN B 165 11.55 21.16 -16.73
CA GLN B 165 11.50 20.27 -17.88
C GLN B 165 11.31 18.83 -17.44
N ILE B 166 10.42 18.11 -18.12
CA ILE B 166 10.20 16.69 -17.81
C ILE B 166 10.02 15.87 -19.09
N VAL B 167 10.64 14.69 -19.13
CA VAL B 167 10.48 13.75 -20.24
C VAL B 167 9.55 12.63 -19.79
N THR B 168 8.57 12.29 -20.62
CA THR B 168 7.57 11.27 -20.34
C THR B 168 7.54 10.26 -21.46
N SER B 169 7.18 9.02 -21.12
CA SER B 169 6.99 7.95 -22.09
C SER B 169 5.55 7.48 -22.00
N SER B 170 5.01 7.07 -23.15
CA SER B 170 3.60 6.74 -23.21
C SER B 170 3.38 5.49 -24.04
N GLY B 171 2.19 4.92 -23.91
CA GLY B 171 1.73 3.80 -24.69
C GLY B 171 1.20 4.18 -26.05
N ASP B 172 1.31 5.45 -26.42
CA ASP B 172 0.97 5.94 -27.75
C ASP B 172 2.10 5.71 -28.76
N THR B 173 3.20 5.08 -28.32
CA THR B 173 4.45 4.69 -29.03
C THR B 173 5.42 5.86 -29.13
N THR B 174 5.19 6.96 -28.41
CA THR B 174 6.01 8.16 -28.53
C THR B 174 6.45 8.59 -27.14
N CYS B 175 7.52 9.40 -27.11
CA CYS B 175 8.03 10.02 -25.91
C CYS B 175 8.00 11.53 -26.09
N ALA B 176 7.94 12.28 -24.99
CA ALA B 176 7.85 13.72 -25.14
C ALA B 176 8.66 14.44 -24.07
N LEU B 177 9.15 15.61 -24.44
CA LEU B 177 9.78 16.55 -23.53
C LEU B 177 8.84 17.73 -23.36
N TRP B 178 8.59 18.09 -22.10
CA TRP B 178 7.61 19.09 -21.74
C TRP B 178 8.26 20.22 -20.96
N ASP B 179 7.71 21.42 -21.15
CA ASP B 179 8.02 22.59 -20.36
C ASP B 179 6.90 22.73 -19.34
N ILE B 180 7.25 22.66 -18.04
CA ILE B 180 6.24 22.62 -17.01
C ILE B 180 5.57 23.98 -16.81
N GLU B 181 6.29 25.07 -17.11
CA GLU B 181 5.73 26.42 -16.98
C GLU B 181 4.56 26.64 -17.94
N THR B 182 4.77 26.38 -19.23
CA THR B 182 3.70 26.59 -20.21
C THR B 182 2.74 25.43 -20.33
N GLY B 183 3.15 24.22 -19.95
CA GLY B 183 2.27 23.08 -20.06
C GLY B 183 2.18 22.49 -21.44
N GLN B 184 3.16 22.77 -22.30
CA GLN B 184 3.13 22.39 -23.70
C GLN B 184 4.33 21.51 -24.01
N GLN B 185 4.11 20.49 -24.84
CA GLN B 185 5.20 19.64 -25.30
C GLN B 185 6.22 20.47 -26.07
N THR B 186 7.48 20.35 -25.69
CA THR B 186 8.55 21.06 -26.35
C THR B 186 9.22 20.21 -27.41
N THR B 187 9.36 18.91 -27.15
CA THR B 187 9.92 18.00 -28.14
C THR B 187 9.08 16.73 -28.18
N THR B 188 8.94 16.15 -29.36
CA THR B 188 8.29 14.85 -29.51
C THR B 188 9.28 13.88 -30.14
N PHE B 189 9.45 12.73 -29.49
CA PHE B 189 10.36 11.68 -29.92
C PHE B 189 9.52 10.53 -30.49
N THR B 190 9.61 10.32 -31.79
CA THR B 190 8.82 9.33 -32.50
C THR B 190 9.74 8.38 -33.24
N GLY B 191 9.25 7.17 -33.49
CA GLY B 191 10.06 6.15 -34.14
C GLY B 191 9.76 4.75 -33.63
N HIS B 192 9.47 4.65 -32.34
CA HIS B 192 9.06 3.38 -31.75
C HIS B 192 7.73 2.92 -32.33
N THR B 193 7.65 1.63 -32.68
CA THR B 193 6.40 1.06 -33.18
C THR B 193 5.64 0.31 -32.10
N GLY B 194 6.15 0.33 -30.87
CA GLY B 194 5.52 -0.37 -29.78
C GLY B 194 5.40 0.55 -28.58
N ASP B 195 4.44 0.22 -27.71
CA ASP B 195 4.19 0.96 -26.47
C ASP B 195 5.46 1.12 -25.64
N VAL B 196 5.87 2.37 -25.43
CA VAL B 196 7.08 2.65 -24.67
C VAL B 196 6.79 2.44 -23.19
N MET B 197 7.52 1.52 -22.57
CA MET B 197 7.22 1.09 -21.21
C MET B 197 8.11 1.71 -20.15
N SER B 198 9.27 2.25 -20.52
CA SER B 198 10.20 2.79 -19.55
C SER B 198 11.14 3.76 -20.23
N LEU B 199 11.82 4.57 -19.41
CA LEU B 199 12.87 5.44 -19.89
C LEU B 199 13.87 5.63 -18.75
N SER B 200 15.04 6.16 -19.11
CA SER B 200 16.09 6.43 -18.13
C SER B 200 16.93 7.58 -18.62
N LEU B 201 17.08 8.62 -17.80
CA LEU B 201 17.91 9.76 -18.17
C LEU B 201 19.38 9.43 -17.93
N ALA B 202 20.24 9.98 -18.78
CA ALA B 202 21.66 9.95 -18.54
C ALA B 202 22.03 10.86 -17.36
N PRO B 203 23.14 10.56 -16.65
CA PRO B 203 23.66 11.50 -15.63
C PRO B 203 23.77 12.95 -16.07
N ASP B 204 24.42 13.22 -17.20
CA ASP B 204 24.51 14.59 -17.73
C ASP B 204 23.16 15.17 -18.16
N THR B 205 22.16 14.30 -18.44
CA THR B 205 20.78 14.62 -18.84
C THR B 205 20.69 15.13 -20.28
N ARG B 206 21.70 14.84 -21.11
CA ARG B 206 21.65 15.23 -22.51
C ARG B 206 21.10 14.13 -23.41
N LEU B 207 21.02 12.89 -22.92
CA LEU B 207 20.55 11.76 -23.70
C LEU B 207 19.63 10.92 -22.83
N PHE B 208 18.64 10.29 -23.44
CA PHE B 208 17.85 9.31 -22.69
C PHE B 208 17.58 8.09 -23.56
N VAL B 209 17.55 6.93 -22.94
CA VAL B 209 17.15 5.70 -23.63
C VAL B 209 15.72 5.36 -23.27
N SER B 210 15.03 4.75 -24.21
CA SER B 210 13.64 4.31 -24.02
C SER B 210 13.48 2.89 -24.52
N GLY B 211 12.79 2.06 -23.75
CA GLY B 211 12.48 0.69 -24.11
C GLY B 211 11.00 0.55 -24.37
N ALA B 212 10.65 -0.19 -25.42
CA ALA B 212 9.28 -0.27 -25.89
C ALA B 212 8.89 -1.72 -26.14
N CYS B 213 7.64 -1.92 -26.54
CA CYS B 213 7.08 -3.24 -26.79
C CYS B 213 7.43 -3.80 -28.17
N ASP B 214 8.20 -3.09 -28.98
CA ASP B 214 8.72 -3.64 -30.22
C ASP B 214 10.08 -4.32 -30.05
N ALA B 215 10.42 -4.70 -28.80
CA ALA B 215 11.64 -5.44 -28.44
C ALA B 215 12.91 -4.67 -28.78
N SER B 216 12.84 -3.35 -28.84
CA SER B 216 13.99 -2.53 -29.16
C SER B 216 14.10 -1.38 -28.17
N ALA B 217 15.32 -0.89 -27.99
CA ALA B 217 15.60 0.30 -27.20
C ALA B 217 16.16 1.37 -28.11
N LYS B 218 15.87 2.62 -27.78
CA LYS B 218 16.33 3.73 -28.62
C LYS B 218 17.02 4.78 -27.76
N LEU B 219 18.13 5.29 -28.26
CA LEU B 219 18.86 6.39 -27.64
C LEU B 219 18.43 7.69 -28.29
N TRP B 220 18.04 8.67 -27.48
CA TRP B 220 17.49 9.92 -27.95
C TRP B 220 18.35 11.08 -27.46
N ASP B 221 18.45 12.09 -28.30
CA ASP B 221 19.11 13.35 -27.96
C ASP B 221 18.03 14.34 -27.55
N VAL B 222 18.14 14.85 -26.33
CA VAL B 222 17.11 15.74 -25.76
C VAL B 222 17.02 17.03 -26.54
N ARG B 223 18.18 17.63 -26.85
CA ARG B 223 18.20 18.93 -27.53
C ARG B 223 17.75 18.82 -28.98
N GLU B 224 18.21 17.79 -29.70
CA GLU B 224 17.95 17.73 -31.13
C GLU B 224 16.67 16.98 -31.49
N GLY B 225 16.13 16.17 -30.58
CA GLY B 225 14.89 15.48 -30.85
C GLY B 225 14.98 14.30 -31.78
N MET B 226 16.18 13.78 -32.00
CA MET B 226 16.41 12.72 -32.97
C MET B 226 16.78 11.42 -32.26
N CYS B 227 16.57 10.31 -32.96
CA CYS B 227 17.01 9.01 -32.47
C CYS B 227 18.43 8.76 -32.97
N ARG B 228 19.37 8.62 -32.02
CA ARG B 228 20.76 8.43 -32.40
C ARG B 228 21.05 6.98 -32.75
N GLN B 229 20.68 6.06 -31.87
CA GLN B 229 20.99 4.65 -32.06
C GLN B 229 19.79 3.80 -31.68
N THR B 230 19.67 2.64 -32.32
CA THR B 230 18.65 1.66 -32.02
C THR B 230 19.33 0.35 -31.64
N PHE B 231 18.84 -0.29 -30.59
CA PHE B 231 19.44 -1.49 -30.04
C PHE B 231 18.39 -2.60 -30.02
N THR B 232 18.76 -3.75 -30.56
CA THR B 232 17.86 -4.90 -30.63
C THR B 232 18.57 -6.12 -30.03
N GLY B 233 17.82 -7.20 -29.89
CA GLY B 233 18.36 -8.41 -29.30
C GLY B 233 17.37 -9.11 -28.39
N HIS B 234 16.44 -8.36 -27.83
CA HIS B 234 15.40 -8.97 -27.01
C HIS B 234 14.36 -9.65 -27.89
N GLU B 235 13.64 -10.60 -27.28
CA GLU B 235 12.63 -11.38 -27.95
C GLU B 235 11.21 -10.99 -27.56
N SER B 236 11.04 -10.06 -26.64
CA SER B 236 9.69 -9.68 -26.22
C SER B 236 9.73 -8.25 -25.68
N ASP B 237 8.69 -7.89 -24.94
CA ASP B 237 8.46 -6.52 -24.48
C ASP B 237 9.51 -6.08 -23.46
N ILE B 238 10.26 -5.02 -23.79
CA ILE B 238 11.23 -4.43 -22.87
C ILE B 238 10.47 -3.60 -21.84
N ASN B 239 10.41 -4.10 -20.60
CA ASN B 239 9.67 -3.41 -19.55
C ASN B 239 10.49 -2.38 -18.78
N ALA B 240 11.83 -2.47 -18.82
CA ALA B 240 12.65 -1.67 -17.93
C ALA B 240 13.97 -1.35 -18.58
N ILE B 241 14.52 -0.19 -18.24
CA ILE B 241 15.79 0.26 -18.80
C ILE B 241 16.47 1.21 -17.81
N CYS B 242 17.80 1.18 -17.78
CA CYS B 242 18.58 1.96 -16.84
C CYS B 242 20.03 2.08 -17.33
N PHE B 243 20.60 3.29 -17.22
CA PHE B 243 21.98 3.53 -17.59
C PHE B 243 22.99 3.02 -16.57
N PHE B 244 24.13 2.60 -17.10
CA PHE B 244 25.33 2.39 -16.31
C PHE B 244 25.77 3.75 -15.75
N PRO B 245 26.40 3.78 -14.57
CA PRO B 245 26.70 5.07 -13.91
C PRO B 245 27.60 6.05 -14.69
N ASN B 246 28.43 5.59 -15.63
CA ASN B 246 29.22 6.53 -16.39
C ASN B 246 28.52 7.03 -17.66
N GLY B 247 27.34 6.50 -17.96
CA GLY B 247 26.57 6.97 -19.09
C GLY B 247 27.01 6.46 -20.44
N ASN B 248 27.86 5.43 -20.48
CA ASN B 248 28.33 4.86 -21.74
C ASN B 248 27.74 3.48 -22.01
N ALA B 249 26.81 3.04 -21.18
CA ALA B 249 26.17 1.74 -21.34
C ALA B 249 24.82 1.80 -20.65
N PHE B 250 23.97 0.82 -20.95
CA PHE B 250 22.70 0.70 -20.25
C PHE B 250 22.28 -0.76 -20.22
N ALA B 251 21.29 -1.06 -19.40
CA ALA B 251 20.77 -2.40 -19.25
C ALA B 251 19.26 -2.40 -19.44
N THR B 252 18.76 -3.45 -20.08
CA THR B 252 17.34 -3.62 -20.34
C THR B 252 16.86 -4.91 -19.70
N GLY B 253 15.60 -4.89 -19.26
CA GLY B 253 14.94 -6.10 -18.78
C GLY B 253 13.64 -6.29 -19.52
N SER B 254 13.34 -7.54 -19.86
CA SER B 254 12.24 -7.83 -20.77
C SER B 254 11.44 -9.02 -20.28
N ASP B 255 10.42 -9.38 -21.05
CA ASP B 255 9.55 -10.51 -20.77
C ASP B 255 10.16 -11.85 -21.20
N ASP B 256 11.26 -11.84 -21.93
CA ASP B 256 11.94 -13.06 -22.35
C ASP B 256 12.81 -13.69 -21.26
N ALA B 257 12.71 -13.18 -20.02
CA ALA B 257 13.41 -13.65 -18.82
C ALA B 257 14.91 -13.41 -18.89
N THR B 258 15.35 -12.45 -19.69
CA THR B 258 16.76 -12.09 -19.79
C THR B 258 16.93 -10.60 -19.56
N CYS B 259 18.11 -10.22 -19.09
CA CYS B 259 18.53 -8.83 -18.99
C CYS B 259 19.69 -8.65 -19.94
N ARG B 260 19.77 -7.54 -20.63
CA ARG B 260 20.93 -7.34 -21.51
C ARG B 260 21.63 -6.03 -21.23
N LEU B 261 22.95 -6.05 -21.35
CA LEU B 261 23.78 -4.85 -21.23
C LEU B 261 24.26 -4.48 -22.62
N PHE B 262 23.97 -3.23 -23.00
CA PHE B 262 24.26 -2.63 -24.30
C PHE B 262 25.24 -1.47 -24.12
N ASP B 263 26.19 -1.36 -25.03
CA ASP B 263 27.17 -0.26 -25.01
C ASP B 263 26.82 0.75 -26.09
N LEU B 264 26.72 2.03 -25.71
CA LEU B 264 26.36 3.09 -26.65
C LEU B 264 27.46 3.30 -27.69
N ARG B 265 28.71 3.35 -27.26
CA ARG B 265 29.82 3.64 -28.18
C ARG B 265 30.08 2.48 -29.13
N ALA B 266 29.97 1.24 -28.64
CA ALA B 266 30.17 0.09 -29.50
C ALA B 266 28.93 -0.26 -30.30
N ASP B 267 27.77 0.29 -29.91
CA ASP B 267 26.50 0.17 -30.63
C ASP B 267 26.03 -1.29 -30.69
N GLN B 268 26.36 -2.07 -29.66
CA GLN B 268 26.05 -3.50 -29.65
C GLN B 268 25.67 -3.95 -28.24
N GLU B 269 25.18 -5.17 -28.17
CA GLU B 269 24.89 -5.81 -26.90
C GLU B 269 26.18 -6.38 -26.34
N LEU B 270 26.44 -6.12 -25.06
CA LEU B 270 27.66 -6.63 -24.45
C LEU B 270 27.42 -7.89 -23.65
N MET B 271 26.33 -7.97 -22.90
CA MET B 271 26.15 -9.14 -22.04
C MET B 271 24.67 -9.51 -21.95
N THR B 272 24.40 -10.79 -21.69
CA THR B 272 23.07 -11.29 -21.41
C THR B 272 23.09 -11.99 -20.07
N TYR B 273 22.17 -11.60 -19.20
CA TYR B 273 22.03 -12.10 -17.84
C TYR B 273 20.77 -12.95 -17.83
N SER B 274 20.95 -14.27 -17.82
CA SER B 274 19.83 -15.19 -17.89
C SER B 274 20.18 -16.47 -17.13
N HIS B 275 19.14 -17.20 -16.76
CA HIS B 275 19.29 -18.48 -16.10
C HIS B 275 18.14 -19.39 -16.51
N ASP B 276 18.45 -20.67 -16.70
CA ASP B 276 17.46 -21.65 -17.16
C ASP B 276 16.30 -21.81 -16.18
N ASN B 277 16.52 -21.53 -14.90
CA ASN B 277 15.49 -21.64 -13.88
C ASN B 277 14.62 -20.39 -13.78
N ILE B 278 14.83 -19.40 -14.64
CA ILE B 278 14.03 -18.19 -14.66
C ILE B 278 13.27 -18.13 -15.98
N ILE B 279 11.95 -18.01 -15.88
CA ILE B 279 11.07 -18.01 -17.04
C ILE B 279 10.15 -16.80 -16.98
N CYS B 280 10.13 -16.13 -15.83
CA CYS B 280 9.31 -14.95 -15.63
C CYS B 280 9.98 -13.69 -16.16
N GLY B 281 9.16 -12.66 -16.42
CA GLY B 281 9.68 -11.43 -16.99
C GLY B 281 10.25 -10.48 -15.94
N ILE B 282 11.08 -9.57 -16.43
CA ILE B 282 11.72 -8.55 -15.59
C ILE B 282 10.86 -7.30 -15.57
N THR B 283 10.56 -6.80 -14.38
CA THR B 283 9.75 -5.60 -14.23
C THR B 283 10.57 -4.34 -13.99
N SER B 284 11.79 -4.48 -13.47
CA SER B 284 12.59 -3.32 -13.08
C SER B 284 14.06 -3.71 -13.11
N VAL B 285 14.91 -2.71 -13.37
CA VAL B 285 16.37 -2.87 -13.38
C VAL B 285 17.01 -1.59 -12.83
N SER B 286 18.10 -1.75 -12.08
CA SER B 286 18.89 -0.63 -11.60
C SER B 286 20.31 -1.12 -11.36
N PHE B 287 21.25 -0.17 -11.37
CA PHE B 287 22.65 -0.47 -11.12
C PHE B 287 23.04 0.04 -9.74
N SER B 288 24.12 -0.51 -9.22
CA SER B 288 24.67 -0.06 -7.94
C SER B 288 25.49 1.21 -8.18
N LYS B 289 26.20 1.67 -7.13
CA LYS B 289 26.92 2.94 -7.21
C LYS B 289 28.09 2.84 -8.19
N SER B 290 28.84 1.74 -8.15
CA SER B 290 29.94 1.54 -9.07
C SER B 290 29.53 0.83 -10.35
N GLY B 291 28.28 0.37 -10.45
CA GLY B 291 27.84 -0.37 -11.60
C GLY B 291 28.28 -1.81 -11.66
N ARG B 292 28.91 -2.31 -10.60
CA ARG B 292 29.35 -3.71 -10.60
C ARG B 292 28.20 -4.68 -10.40
N LEU B 293 27.18 -4.30 -9.64
CA LEU B 293 26.01 -5.13 -9.41
C LEU B 293 24.84 -4.63 -10.23
N LEU B 294 24.12 -5.56 -10.85
CA LEU B 294 22.89 -5.23 -11.57
C LEU B 294 21.72 -5.91 -10.86
N LEU B 295 20.75 -5.12 -10.40
CA LEU B 295 19.63 -5.66 -9.65
C LEU B 295 18.39 -5.66 -10.52
N ALA B 296 17.72 -6.81 -10.61
CA ALA B 296 16.55 -6.94 -11.48
C ALA B 296 15.39 -7.54 -10.70
N GLY B 297 14.21 -6.94 -10.84
CA GLY B 297 13.02 -7.47 -10.22
C GLY B 297 12.27 -8.36 -11.20
N TYR B 298 11.64 -9.40 -10.68
CA TYR B 298 11.01 -10.41 -11.53
C TYR B 298 9.58 -10.64 -11.10
N ASP B 299 8.91 -11.56 -11.80
CA ASP B 299 7.54 -11.97 -11.48
C ASP B 299 7.51 -13.19 -10.57
N ASP B 300 8.67 -13.71 -10.17
CA ASP B 300 8.76 -14.87 -9.29
C ASP B 300 8.67 -14.50 -7.82
N PHE B 301 8.43 -13.20 -7.55
CA PHE B 301 8.25 -12.51 -6.25
C PHE B 301 9.63 -12.20 -5.66
N ASN B 302 10.70 -12.39 -6.42
CA ASN B 302 12.06 -12.20 -5.94
C ASN B 302 12.77 -11.16 -6.77
N CYS B 303 13.93 -10.73 -6.26
CA CYS B 303 14.83 -9.82 -6.94
C CYS B 303 16.20 -10.46 -7.04
N ASN B 304 16.78 -10.51 -8.24
CA ASN B 304 18.08 -11.12 -8.38
C ASN B 304 19.16 -10.06 -8.52
N VAL B 305 20.30 -10.31 -7.87
CA VAL B 305 21.48 -9.46 -7.94
C VAL B 305 22.50 -10.18 -8.79
N TRP B 306 22.87 -9.57 -9.91
CA TRP B 306 23.79 -10.17 -10.86
C TRP B 306 25.12 -9.44 -10.83
N ASP B 307 26.13 -10.10 -11.38
CA ASP B 307 27.45 -9.52 -11.56
C ASP B 307 27.46 -8.88 -12.94
N ALA B 308 27.45 -7.55 -13.01
CA ALA B 308 27.34 -6.84 -14.28
C ALA B 308 28.55 -7.01 -15.19
N LEU B 309 29.64 -7.62 -14.72
CA LEU B 309 30.81 -7.88 -15.55
C LEU B 309 31.02 -9.35 -15.86
N LYS B 310 30.38 -10.26 -15.12
CA LYS B 310 30.63 -11.69 -15.28
C LYS B 310 29.38 -12.50 -15.59
N ALA B 311 28.20 -11.89 -15.55
CA ALA B 311 26.90 -12.51 -15.83
C ALA B 311 26.60 -13.67 -14.89
N ASP B 312 27.08 -13.59 -13.65
CA ASP B 312 26.78 -14.56 -12.62
C ASP B 312 25.75 -13.97 -11.67
N ARG B 313 24.84 -14.80 -11.19
CA ARG B 313 23.90 -14.36 -10.17
C ARG B 313 24.61 -14.36 -8.82
N ALA B 314 24.66 -13.18 -8.19
CA ALA B 314 25.39 -13.04 -6.93
C ALA B 314 24.49 -13.06 -5.71
N GLY B 315 23.19 -12.79 -5.86
CA GLY B 315 22.37 -12.75 -4.67
C GLY B 315 20.90 -12.78 -5.02
N VAL B 316 20.08 -12.93 -3.98
CA VAL B 316 18.62 -12.92 -4.11
C VAL B 316 18.04 -12.09 -2.96
N LEU B 317 17.18 -11.15 -3.30
CA LEU B 317 16.39 -10.37 -2.36
C LEU B 317 14.99 -10.97 -2.38
N ALA B 318 14.66 -11.78 -1.37
CA ALA B 318 13.39 -12.50 -1.34
C ALA B 318 12.59 -12.09 -0.11
N GLY B 319 11.97 -10.92 -0.15
CA GLY B 319 11.17 -10.49 0.97
C GLY B 319 9.72 -10.18 0.66
N HIS B 320 9.29 -10.39 -0.58
CA HIS B 320 7.96 -10.00 -1.00
C HIS B 320 7.07 -11.21 -1.27
N ASP B 321 5.76 -10.99 -1.14
CA ASP B 321 4.75 -12.02 -1.35
C ASP B 321 4.08 -11.92 -2.70
N ASN B 322 4.39 -10.89 -3.49
CA ASN B 322 3.80 -10.69 -4.80
C ASN B 322 4.89 -10.15 -5.72
N ARG B 323 4.49 -9.84 -6.96
CA ARG B 323 5.42 -9.40 -7.99
C ARG B 323 6.15 -8.13 -7.54
N VAL B 324 7.46 -8.08 -7.78
CA VAL B 324 8.24 -6.88 -7.48
C VAL B 324 8.06 -5.94 -8.66
N SER B 325 7.16 -4.96 -8.50
CA SER B 325 6.86 -4.05 -9.60
C SER B 325 7.97 -3.04 -9.83
N CYS B 326 8.58 -2.52 -8.77
CA CYS B 326 9.55 -1.44 -8.97
C CYS B 326 10.72 -1.55 -8.01
N LEU B 327 11.72 -0.71 -8.25
CA LEU B 327 13.04 -0.90 -7.66
C LEU B 327 13.85 0.37 -7.90
N GLY B 328 14.65 0.76 -6.92
CA GLY B 328 15.56 1.89 -7.11
C GLY B 328 16.71 1.87 -6.14
N VAL B 329 17.85 2.36 -6.60
CA VAL B 329 19.06 2.46 -5.80
C VAL B 329 19.34 3.94 -5.54
N THR B 330 19.72 4.26 -4.31
CA THR B 330 20.00 5.64 -3.91
C THR B 330 21.20 6.21 -4.66
N ASP B 331 21.32 7.54 -4.65
CA ASP B 331 22.40 8.19 -5.36
C ASP B 331 23.75 8.01 -4.69
N ASP B 332 23.78 7.74 -3.38
CA ASP B 332 25.03 7.37 -2.74
C ASP B 332 25.24 5.86 -2.71
N GLY B 333 24.24 5.08 -3.08
CA GLY B 333 24.38 3.64 -3.16
C GLY B 333 24.36 2.93 -1.84
N MET B 334 23.86 3.59 -0.79
CA MET B 334 23.77 2.95 0.51
C MET B 334 22.67 1.90 0.60
N ALA B 335 21.59 2.04 -0.16
CA ALA B 335 20.46 1.14 0.03
C ALA B 335 19.71 0.93 -1.28
N VAL B 336 18.91 -0.13 -1.30
CA VAL B 336 18.05 -0.46 -2.43
C VAL B 336 16.62 -0.53 -1.93
N ALA B 337 15.70 0.15 -2.59
CA ALA B 337 14.29 0.05 -2.23
C ALA B 337 13.57 -0.76 -3.30
N THR B 338 12.77 -1.71 -2.86
CA THR B 338 11.94 -2.52 -3.74
C THR B 338 10.49 -2.32 -3.38
N GLY B 339 9.66 -2.04 -4.39
CA GLY B 339 8.23 -1.95 -4.21
C GLY B 339 7.59 -3.12 -4.93
N SER B 340 6.47 -3.58 -4.39
CA SER B 340 5.84 -4.77 -4.91
C SER B 340 4.32 -4.61 -4.93
N TRP B 341 3.66 -5.58 -5.56
CA TRP B 341 2.21 -5.67 -5.59
C TRP B 341 1.59 -6.09 -4.26
N ASP B 342 2.38 -6.49 -3.27
CA ASP B 342 1.84 -6.86 -1.97
C ASP B 342 1.67 -5.66 -1.03
N SER B 343 1.74 -4.43 -1.56
CA SER B 343 1.49 -3.16 -0.89
C SER B 343 2.57 -2.77 0.12
N PHE B 344 3.77 -3.32 0.00
CA PHE B 344 4.85 -3.03 0.94
C PHE B 344 6.10 -2.60 0.20
N LEU B 345 6.77 -1.59 0.75
CA LEU B 345 8.08 -1.16 0.28
C LEU B 345 9.13 -1.64 1.25
N LYS B 346 10.23 -2.17 0.72
CA LYS B 346 11.30 -2.68 1.57
C LYS B 346 12.63 -2.01 1.22
N ILE B 347 13.38 -1.63 2.25
CA ILE B 347 14.71 -1.09 2.09
C ILE B 347 15.71 -2.19 2.43
N TRP B 348 16.68 -2.40 1.53
CA TRP B 348 17.67 -3.45 1.66
C TRP B 348 19.05 -2.82 1.75
N ASN B 349 19.94 -3.55 2.41
CA ASN B 349 21.33 -3.13 2.59
C ASN B 349 22.20 -4.33 2.94
N ALA C 6 1.13 8.63 -49.26
CA ALA C 6 0.75 7.37 -48.63
C ALA C 6 1.80 6.92 -47.62
N SER C 7 2.25 5.67 -47.73
CA SER C 7 3.30 5.14 -46.87
C SER C 7 4.70 5.40 -47.41
N ILE C 8 4.82 5.95 -48.62
CA ILE C 8 6.11 6.25 -49.23
C ILE C 8 6.90 7.26 -48.41
N ALA C 9 6.22 8.19 -47.74
CA ALA C 9 6.92 9.15 -46.89
C ALA C 9 7.38 8.51 -45.59
N GLN C 10 6.59 7.58 -45.05
CA GLN C 10 7.00 6.81 -43.88
C GLN C 10 8.24 5.97 -44.19
N ALA C 11 8.25 5.33 -45.37
CA ALA C 11 9.40 4.55 -45.81
C ALA C 11 10.62 5.43 -46.01
N ARG C 12 10.42 6.62 -46.60
CA ARG C 12 11.54 7.55 -46.80
C ARG C 12 12.11 8.00 -45.47
N LYS C 13 11.24 8.24 -44.49
CA LYS C 13 11.67 8.63 -43.14
C LYS C 13 12.48 7.51 -42.51
N LEU C 14 12.01 6.27 -42.65
CA LEU C 14 12.71 5.11 -42.09
C LEU C 14 14.08 4.93 -42.73
N VAL C 15 14.16 5.12 -44.06
CA VAL C 15 15.43 5.03 -44.77
C VAL C 15 16.39 6.12 -44.29
N GLU C 16 15.89 7.35 -44.13
CA GLU C 16 16.74 8.46 -43.69
C GLU C 16 17.25 8.22 -42.27
N GLN C 17 16.38 7.69 -41.41
CA GLN C 17 16.78 7.33 -40.04
C GLN C 17 17.85 6.25 -40.05
N LEU C 18 17.68 5.23 -40.90
CA LEU C 18 18.64 4.14 -40.98
C LEU C 18 19.99 4.64 -41.49
N LYS C 19 19.97 5.59 -42.44
CA LYS C 19 21.21 6.21 -42.92
C LYS C 19 21.91 6.97 -41.79
N MET C 20 21.14 7.75 -41.02
CA MET C 20 21.70 8.49 -39.90
C MET C 20 22.28 7.56 -38.84
N GLU C 21 21.64 6.42 -38.61
CA GLU C 21 22.16 5.45 -37.64
C GLU C 21 23.35 4.68 -38.19
N ALA C 22 23.41 4.50 -39.51
CA ALA C 22 24.52 3.78 -40.13
C ALA C 22 25.78 4.63 -40.21
N ASN C 23 25.64 5.95 -40.36
CA ASN C 23 26.79 6.83 -40.52
C ASN C 23 27.35 7.33 -39.19
N ILE C 24 27.38 6.47 -38.17
CA ILE C 24 28.05 6.79 -36.92
C ILE C 24 29.38 6.04 -36.86
N ASP C 25 30.24 6.44 -35.95
CA ASP C 25 31.53 5.78 -35.75
C ASP C 25 31.47 4.91 -34.49
N ARG C 26 32.07 3.73 -34.59
CA ARG C 26 31.99 2.73 -33.53
C ARG C 26 33.40 2.34 -33.10
N ILE C 27 33.59 2.23 -31.79
CA ILE C 27 34.84 1.74 -31.22
C ILE C 27 34.75 0.23 -31.10
N LYS C 28 35.86 -0.41 -30.74
CA LYS C 28 35.86 -1.85 -30.61
C LYS C 28 35.23 -2.25 -29.28
N VAL C 29 34.58 -3.43 -29.29
CA VAL C 29 33.88 -3.93 -28.11
C VAL C 29 34.85 -4.14 -26.95
N SER C 30 36.06 -4.65 -27.27
CA SER C 30 37.15 -4.78 -26.31
C SER C 30 37.44 -3.49 -25.56
N LYS C 31 37.52 -2.36 -26.28
CA LYS C 31 37.84 -1.07 -25.66
C LYS C 31 36.73 -0.61 -24.71
N ALA C 32 35.48 -0.78 -25.12
CA ALA C 32 34.36 -0.36 -24.29
C ALA C 32 34.21 -1.27 -23.07
N ALA C 33 34.49 -2.56 -23.24
CA ALA C 33 34.48 -3.49 -22.12
C ALA C 33 35.58 -3.16 -21.12
N ALA C 34 36.76 -2.79 -21.63
CA ALA C 34 37.85 -2.37 -20.75
C ALA C 34 37.52 -1.07 -20.03
N ASP C 35 36.79 -0.16 -20.70
CA ASP C 35 36.37 1.08 -20.04
C ASP C 35 35.35 0.80 -18.93
N LEU C 36 34.41 -0.11 -19.18
CA LEU C 36 33.44 -0.49 -18.16
C LEU C 36 34.11 -1.18 -16.98
N MET C 37 35.11 -2.04 -17.26
CA MET C 37 35.85 -2.72 -16.20
C MET C 37 36.68 -1.73 -15.39
N ALA C 38 37.27 -0.73 -16.06
CA ALA C 38 38.05 0.29 -15.37
C ALA C 38 37.16 1.17 -14.50
N TYR C 39 35.95 1.48 -14.97
CA TYR C 39 35.01 2.22 -14.15
C TYR C 39 34.57 1.41 -12.94
N CYS C 40 34.36 0.11 -13.12
CA CYS C 40 33.91 -0.72 -12.01
C CYS C 40 35.01 -0.89 -10.96
N GLU C 41 36.28 -1.00 -11.39
CA GLU C 41 37.35 -1.13 -10.42
C GLU C 41 37.80 0.20 -9.85
N ALA C 42 37.46 1.32 -10.49
CA ALA C 42 37.83 2.62 -9.96
C ALA C 42 36.90 3.08 -8.84
N HIS C 43 35.64 2.64 -8.85
CA HIS C 43 34.65 3.04 -7.86
C HIS C 43 34.25 1.91 -6.94
N ALA C 44 35.05 0.84 -6.89
CA ALA C 44 34.69 -0.35 -6.11
C ALA C 44 34.72 -0.09 -4.61
N LYS C 45 35.56 0.82 -4.14
CA LYS C 45 35.62 1.12 -2.72
C LYS C 45 34.59 2.15 -2.28
N GLU C 46 33.82 2.71 -3.21
CA GLU C 46 32.79 3.69 -2.91
C GLU C 46 31.39 3.13 -3.05
N ASP C 47 31.26 1.81 -3.22
CA ASP C 47 29.96 1.15 -3.39
C ASP C 47 29.60 0.40 -2.11
N PRO C 48 28.68 0.93 -1.29
CA PRO C 48 28.29 0.24 -0.05
C PRO C 48 27.63 -1.12 -0.28
N LEU C 49 26.96 -1.30 -1.42
CA LEU C 49 26.35 -2.59 -1.73
C LEU C 49 27.40 -3.65 -2.04
N LEU C 50 28.38 -3.30 -2.86
CA LEU C 50 29.44 -4.23 -3.23
C LEU C 50 30.32 -4.58 -2.04
N THR C 51 30.69 -3.59 -1.24
CA THR C 51 31.50 -3.81 -0.04
C THR C 51 30.75 -3.24 1.16
N PRO C 52 30.31 -4.08 2.10
CA PRO C 52 29.53 -3.60 3.24
C PRO C 52 30.27 -2.59 4.11
N VAL C 53 29.60 -1.48 4.39
CA VAL C 53 30.13 -0.42 5.25
C VAL C 53 30.03 -0.88 6.70
N PRO C 54 30.83 -0.33 7.61
CA PRO C 54 30.66 -0.63 9.04
C PRO C 54 29.30 -0.19 9.55
N ALA C 55 28.78 -0.95 10.51
CA ALA C 55 27.43 -0.73 11.05
C ALA C 55 27.27 0.64 11.68
N SER C 56 28.36 1.23 12.20
CA SER C 56 28.32 2.58 12.73
C SER C 56 28.00 3.61 11.65
N GLU C 57 28.44 3.36 10.41
CA GLU C 57 28.28 4.33 9.33
C GLU C 57 27.04 4.08 8.49
N ASN C 58 26.31 2.99 8.76
CA ASN C 58 25.13 2.63 7.98
C ASN C 58 23.93 3.34 8.58
N PRO C 59 23.28 4.27 7.87
CA PRO C 59 22.14 5.00 8.47
C PRO C 59 20.96 4.10 8.81
N PHE C 60 20.68 3.11 7.95
CA PHE C 60 19.53 2.23 8.12
C PHE C 60 19.75 1.24 9.28
N ARG C 61 20.99 0.78 9.48
CA ARG C 61 21.21 -0.24 10.49
C ARG C 61 21.35 0.37 11.88
N GLU C 62 22.30 1.30 12.03
CA GLU C 62 22.63 1.97 13.30
C GLU C 62 21.44 2.60 14.04
N ASP D 1 -3.03 34.13 0.68
CA ASP D 1 -2.11 34.88 1.51
C ASP D 1 -2.26 34.48 2.98
N VAL D 2 -1.13 34.16 3.61
CA VAL D 2 -1.14 33.66 4.97
C VAL D 2 -1.40 34.81 5.93
N GLN D 3 -2.42 34.66 6.78
CA GLN D 3 -2.78 35.69 7.76
C GLN D 3 -3.18 35.03 9.07
N LEU D 4 -2.63 35.56 10.17
CA LEU D 4 -3.01 35.18 11.52
C LEU D 4 -3.40 36.47 12.22
N VAL D 5 -4.63 36.56 12.71
CA VAL D 5 -5.16 37.79 13.31
C VAL D 5 -5.61 37.48 14.74
N GLU D 6 -5.07 38.22 15.70
CA GLU D 6 -5.34 37.99 17.11
C GLU D 6 -6.31 39.02 17.65
N SER D 7 -7.33 38.56 18.36
CA SER D 7 -8.30 39.43 19.01
C SER D 7 -8.46 38.99 20.45
N GLY D 8 -9.03 39.88 21.26
CA GLY D 8 -9.39 39.56 22.63
C GLY D 8 -8.58 40.28 23.69
N GLY D 9 -7.68 41.19 23.30
CA GLY D 9 -6.88 41.91 24.27
C GLY D 9 -7.66 43.00 24.96
N GLY D 10 -7.01 43.63 25.92
CA GLY D 10 -7.61 44.75 26.63
C GLY D 10 -7.13 44.78 28.07
N LEU D 11 -7.68 45.74 28.80
CA LEU D 11 -7.42 45.84 30.23
C LEU D 11 -8.27 44.83 31.00
N VAL D 12 -7.63 44.09 31.90
CA VAL D 12 -8.28 43.14 32.80
C VAL D 12 -7.76 43.45 34.20
N GLN D 13 -8.57 43.13 35.25
CA GLN D 13 -8.28 43.21 36.66
C GLN D 13 -7.66 41.89 37.12
N PRO D 14 -6.79 41.93 38.14
CA PRO D 14 -6.19 40.69 38.67
C PRO D 14 -7.21 39.67 39.14
N GLY D 15 -6.90 38.39 38.93
CA GLY D 15 -7.81 37.31 39.21
C GLY D 15 -8.90 37.10 38.20
N GLY D 16 -8.98 37.92 37.16
CA GLY D 16 -10.03 37.81 36.16
C GLY D 16 -9.76 36.69 35.16
N SER D 17 -10.54 36.73 34.09
CA SER D 17 -10.43 35.75 33.02
C SER D 17 -10.65 36.43 31.68
N ARG D 18 -9.94 35.96 30.66
CA ARG D 18 -10.11 36.47 29.30
C ARG D 18 -9.86 35.31 28.35
N LYS D 19 -10.40 35.42 27.14
CA LYS D 19 -10.16 34.43 26.09
C LYS D 19 -9.60 35.15 24.86
N LEU D 20 -8.35 34.83 24.52
CA LEU D 20 -7.76 35.33 23.29
C LEU D 20 -8.06 34.39 22.14
N SER D 21 -8.26 34.97 20.96
CA SER D 21 -8.53 34.19 19.76
C SER D 21 -7.52 34.57 18.67
N CYS D 22 -7.28 33.62 17.78
CA CYS D 22 -6.45 33.82 16.60
C CYS D 22 -7.17 33.20 15.42
N SER D 23 -7.56 34.05 14.47
CA SER D 23 -8.19 33.63 13.23
C SER D 23 -7.14 33.41 12.16
N ALA D 24 -7.16 32.24 11.54
CA ALA D 24 -6.20 31.86 10.52
C ALA D 24 -6.88 31.86 9.15
N SER D 25 -6.18 32.37 8.14
CA SER D 25 -6.70 32.35 6.79
C SER D 25 -5.54 32.23 5.82
N GLY D 26 -5.79 31.55 4.71
CA GLY D 26 -4.80 31.43 3.65
C GLY D 26 -3.86 30.26 3.76
N PHE D 27 -4.10 29.32 4.68
CA PHE D 27 -3.30 28.10 4.75
C PHE D 27 -4.13 27.00 5.39
N ALA D 28 -3.66 25.77 5.23
CA ALA D 28 -4.33 24.58 5.75
C ALA D 28 -4.08 24.51 7.24
N PHE D 29 -5.00 25.10 8.02
CA PHE D 29 -4.78 25.33 9.45
C PHE D 29 -4.70 24.04 10.25
N SER D 30 -5.46 23.01 9.86
CA SER D 30 -5.55 21.79 10.66
C SER D 30 -4.28 20.94 10.59
N SER D 31 -3.40 21.20 9.62
CA SER D 31 -2.16 20.45 9.50
C SER D 31 -0.99 21.12 10.20
N PHE D 32 -1.21 22.28 10.83
CA PHE D 32 -0.16 23.02 11.52
C PHE D 32 -0.35 22.93 13.03
N GLY D 33 0.75 22.70 13.74
CA GLY D 33 0.77 22.93 15.16
C GLY D 33 0.83 24.42 15.45
N MET D 34 0.21 24.83 16.55
CA MET D 34 0.10 26.24 16.86
C MET D 34 0.68 26.54 18.23
N HIS D 35 1.31 27.70 18.35
CA HIS D 35 1.97 28.13 19.58
C HIS D 35 1.44 29.49 19.98
N TRP D 36 1.50 29.76 21.28
CA TRP D 36 1.25 31.08 21.83
C TRP D 36 2.54 31.53 22.47
N VAL D 37 3.02 32.70 22.06
CA VAL D 37 4.26 33.29 22.57
C VAL D 37 3.92 34.68 23.09
N ARG D 38 4.48 35.06 24.23
CA ARG D 38 4.21 36.37 24.80
C ARG D 38 5.47 37.23 24.73
N GLN D 39 5.25 38.54 24.73
CA GLN D 39 6.34 39.51 24.83
C GLN D 39 5.94 40.60 25.82
N ALA D 40 6.58 40.61 26.98
CA ALA D 40 6.43 41.67 27.98
C ALA D 40 6.76 43.03 27.37
N PRO D 41 6.14 44.12 27.87
CA PRO D 41 6.22 45.42 27.16
C PRO D 41 7.61 46.02 26.99
N GLU D 42 8.58 45.69 27.85
CA GLU D 42 9.96 46.06 27.59
C GLU D 42 10.95 44.89 27.55
N LYS D 43 10.49 43.66 27.68
CA LYS D 43 11.38 42.51 27.74
C LYS D 43 11.36 41.73 26.43
N GLY D 44 11.98 40.55 26.47
CA GLY D 44 12.07 39.68 25.31
C GLY D 44 10.88 38.76 25.16
N LEU D 45 11.02 37.80 24.26
CA LEU D 45 9.95 36.87 23.93
C LEU D 45 9.96 35.70 24.91
N GLU D 46 8.77 35.25 25.28
CA GLU D 46 8.62 34.09 26.15
C GLU D 46 7.57 33.16 25.57
N TRP D 47 7.87 31.85 25.57
CA TRP D 47 6.94 30.88 25.03
C TRP D 47 5.90 30.55 26.09
N VAL D 48 4.64 30.51 25.67
CA VAL D 48 3.51 30.24 26.58
C VAL D 48 2.96 28.83 26.39
N ALA D 49 2.49 28.51 25.20
CA ALA D 49 1.76 27.25 25.06
C ALA D 49 1.87 26.69 23.66
N TYR D 50 1.56 25.41 23.52
CA TYR D 50 1.62 24.73 22.22
C TYR D 50 0.55 23.66 22.15
N ILE D 51 -0.19 23.63 21.04
CA ILE D 51 -1.11 22.56 20.72
C ILE D 51 -0.72 21.98 19.36
N SER D 52 -0.73 20.65 19.26
CA SER D 52 -0.24 20.01 18.06
C SER D 52 -1.33 19.99 16.99
N SER D 53 -0.95 19.56 15.79
CA SER D 53 -1.93 19.27 14.75
C SER D 53 -2.74 18.05 15.16
N GLY D 54 -4.07 18.18 15.13
CA GLY D 54 -4.93 17.12 15.59
C GLY D 54 -5.18 17.11 17.09
N SER D 55 -4.62 18.07 17.83
CA SER D 55 -4.86 18.31 19.26
C SER D 55 -4.39 17.17 20.14
N GLY D 56 -3.55 16.27 19.63
CA GLY D 56 -3.11 15.13 20.42
C GLY D 56 -2.06 15.45 21.47
N THR D 57 -1.32 16.54 21.29
CA THR D 57 -0.21 16.89 22.17
C THR D 57 -0.34 18.35 22.57
N ILE D 58 -0.31 18.62 23.87
CA ILE D 58 -0.47 19.96 24.41
C ILE D 58 0.61 20.19 25.46
N TYR D 59 1.35 21.30 25.32
CA TYR D 59 2.37 21.67 26.30
C TYR D 59 2.14 23.10 26.78
N TYR D 60 2.58 23.37 28.01
CA TYR D 60 2.43 24.66 28.65
C TYR D 60 3.73 25.04 29.34
N ALA D 61 3.98 26.35 29.42
CA ALA D 61 5.09 26.83 30.23
C ALA D 61 4.73 26.73 31.71
N ASP D 62 5.78 26.65 32.54
CA ASP D 62 5.59 26.47 33.99
C ASP D 62 4.86 27.66 34.62
N THR D 63 5.16 28.88 34.15
CA THR D 63 4.54 30.08 34.70
C THR D 63 3.04 30.10 34.49
N VAL D 64 2.56 29.56 33.37
CA VAL D 64 1.14 29.61 33.02
C VAL D 64 0.44 28.28 33.24
N LYS D 65 1.14 27.26 33.73
CA LYS D 65 0.57 25.92 33.88
C LYS D 65 -0.54 25.92 34.92
N GLY D 66 -1.68 25.34 34.55
CA GLY D 66 -2.82 25.24 35.43
C GLY D 66 -3.78 26.40 35.33
N ARG D 67 -3.32 27.55 34.84
CA ARG D 67 -4.14 28.75 34.67
C ARG D 67 -4.61 28.94 33.24
N PHE D 68 -3.73 28.72 32.26
CA PHE D 68 -4.04 28.93 30.85
C PHE D 68 -4.44 27.60 30.22
N THR D 69 -5.34 27.67 29.24
CA THR D 69 -5.80 26.50 28.50
C THR D 69 -5.82 26.83 27.03
N ILE D 70 -5.06 26.09 26.23
CA ILE D 70 -4.97 26.31 24.79
C ILE D 70 -5.87 25.29 24.09
N SER D 71 -6.54 25.73 23.03
CA SER D 71 -7.43 24.84 22.28
C SER D 71 -7.52 25.33 20.84
N ARG D 72 -8.15 24.52 19.99
CA ARG D 72 -8.29 24.91 18.60
C ARG D 72 -9.60 24.38 18.04
N ASP D 73 -10.17 25.15 17.12
CA ASP D 73 -11.36 24.78 16.37
C ASP D 73 -10.95 24.75 14.90
N ASP D 74 -10.68 23.55 14.40
CA ASP D 74 -10.20 23.32 13.05
C ASP D 74 -11.25 23.54 11.94
N PRO D 75 -12.54 23.22 12.10
CA PRO D 75 -13.50 23.67 11.06
C PRO D 75 -13.67 25.17 10.98
N LYS D 76 -13.45 25.90 12.07
CA LYS D 76 -13.58 27.35 12.05
C LYS D 76 -12.25 28.06 11.92
N ASN D 77 -11.13 27.32 11.88
CA ASN D 77 -9.77 27.84 11.72
C ASN D 77 -9.42 28.87 12.80
N THR D 78 -9.70 28.51 14.05
CA THR D 78 -9.47 29.43 15.16
C THR D 78 -8.64 28.76 16.24
N LEU D 79 -7.71 29.51 16.82
CA LEU D 79 -6.91 29.07 17.96
C LEU D 79 -7.34 29.87 19.17
N PHE D 80 -7.57 29.20 20.29
CA PHE D 80 -8.05 29.87 21.49
C PHE D 80 -7.05 29.71 22.63
N LEU D 81 -7.01 30.72 23.48
CA LEU D 81 -6.24 30.71 24.73
C LEU D 81 -7.13 31.27 25.82
N GLN D 82 -7.66 30.38 26.66
CA GLN D 82 -8.50 30.76 27.79
C GLN D 82 -7.60 30.95 29.01
N MET D 83 -7.47 32.20 29.45
CA MET D 83 -6.61 32.56 30.57
C MET D 83 -7.49 32.85 31.78
N THR D 84 -7.24 32.17 32.88
CA THR D 84 -7.95 32.36 34.13
C THR D 84 -6.95 32.70 35.23
N SER D 85 -7.45 33.45 36.23
CA SER D 85 -6.68 33.88 37.41
C SER D 85 -5.44 34.69 37.00
N LEU D 86 -5.70 35.77 36.27
CA LEU D 86 -4.64 36.59 35.70
C LEU D 86 -3.85 37.33 36.78
N ARG D 87 -2.58 37.56 36.48
CA ARG D 87 -1.64 38.23 37.37
C ARG D 87 -0.99 39.37 36.62
N SER D 88 -0.43 40.32 37.38
CA SER D 88 0.20 41.50 36.80
C SER D 88 1.34 41.15 35.84
N GLU D 89 2.03 40.03 36.10
CA GLU D 89 3.14 39.56 35.26
C GLU D 89 2.68 39.04 33.91
N ASP D 90 1.38 38.93 33.66
CA ASP D 90 0.85 38.43 32.40
C ASP D 90 0.55 39.54 31.41
N THR D 91 0.88 40.79 31.74
CA THR D 91 0.72 41.88 30.79
C THR D 91 1.77 41.73 29.71
N ALA D 92 1.33 41.68 28.45
CA ALA D 92 2.21 41.33 27.33
C ALA D 92 1.42 41.34 26.02
N MET D 93 2.17 41.31 24.92
CA MET D 93 1.61 41.13 23.59
C MET D 93 1.69 39.65 23.24
N TYR D 94 0.57 39.07 22.83
CA TYR D 94 0.45 37.64 22.59
C TYR D 94 0.40 37.38 21.08
N TYR D 95 1.20 36.41 20.64
CA TYR D 95 1.35 36.08 19.23
C TYR D 95 0.98 34.62 19.03
N CYS D 96 0.16 34.33 18.01
CA CYS D 96 -0.04 32.97 17.59
C CYS D 96 0.98 32.68 16.49
N VAL D 97 1.63 31.52 16.59
CA VAL D 97 2.68 31.14 15.66
C VAL D 97 2.35 29.79 15.06
N ARG D 98 2.48 29.65 13.75
CA ARG D 98 2.27 28.38 13.09
C ARG D 98 3.60 27.65 12.96
N SER D 99 3.60 26.35 13.25
CA SER D 99 4.77 25.51 13.07
C SER D 99 4.31 24.14 12.57
N ILE D 100 4.87 23.70 11.45
CA ILE D 100 4.60 22.37 10.93
C ILE D 100 5.88 21.54 11.08
N TYR D 101 5.73 20.26 11.40
CA TYR D 101 6.87 19.41 11.72
C TYR D 101 6.88 18.16 10.85
N TYR D 102 7.87 18.08 9.98
CA TYR D 102 8.16 16.95 9.11
C TYR D 102 9.60 17.13 8.70
N TYR D 103 10.18 16.10 8.08
CA TYR D 103 11.58 16.18 7.65
C TYR D 103 11.75 17.30 6.63
N GLY D 104 12.63 18.25 6.93
CA GLY D 104 12.92 19.36 6.06
C GLY D 104 12.00 20.56 6.23
N SER D 105 11.07 20.51 7.18
CA SER D 105 10.12 21.59 7.41
C SER D 105 10.80 22.76 8.13
N SER D 106 10.18 23.93 8.01
CA SER D 106 10.62 25.12 8.73
C SER D 106 9.57 25.55 9.73
N PRO D 107 9.67 25.12 11.00
CA PRO D 107 8.72 25.57 12.02
C PRO D 107 8.92 27.02 12.39
N PHE D 108 7.88 27.60 13.03
CA PHE D 108 7.87 28.98 13.53
C PHE D 108 8.07 29.99 12.41
N ASP D 109 7.50 29.71 11.25
CA ASP D 109 7.80 30.50 10.06
C ASP D 109 6.85 31.67 9.85
N PHE D 110 5.66 31.66 10.45
CA PHE D 110 4.75 32.80 10.36
C PHE D 110 4.24 33.18 11.73
N TRP D 111 4.31 34.47 12.05
CA TRP D 111 3.87 35.02 13.32
C TRP D 111 2.75 36.01 13.07
N GLY D 112 1.70 35.95 13.89
CA GLY D 112 0.61 36.89 13.78
C GLY D 112 0.99 38.26 14.32
N GLN D 113 0.09 39.22 14.15
CA GLN D 113 0.39 40.60 14.52
C GLN D 113 0.37 40.83 16.03
N GLY D 114 -0.28 39.98 16.79
CA GLY D 114 -0.25 40.07 18.25
C GLY D 114 -1.37 40.93 18.81
N THR D 115 -1.83 40.56 20.00
CA THR D 115 -2.88 41.28 20.71
C THR D 115 -2.36 41.66 22.08
N THR D 116 -2.70 42.86 22.54
CA THR D 116 -2.15 43.38 23.78
C THR D 116 -3.08 43.06 24.95
N LEU D 117 -2.51 42.45 25.99
CA LEU D 117 -3.20 42.20 27.25
C LEU D 117 -2.56 43.07 28.31
N THR D 118 -3.35 43.89 28.98
CA THR D 118 -2.87 44.70 30.09
C THR D 118 -3.60 44.28 31.36
N VAL D 119 -2.85 43.81 32.34
CA VAL D 119 -3.41 43.45 33.65
C VAL D 119 -3.09 44.58 34.61
N SER D 120 -4.13 45.23 35.12
CA SER D 120 -3.96 46.39 35.99
C SER D 120 -3.37 45.98 37.33
N SER D 121 -2.74 46.95 37.99
CA SER D 121 -2.18 46.71 39.32
C SER D 121 -2.98 47.43 40.39
N GLY D 135 13.80 24.28 36.61
CA GLY D 135 15.19 24.26 37.04
C GLY D 135 16.13 23.70 36.00
N SER D 136 15.66 22.69 35.25
CA SER D 136 16.43 22.07 34.20
C SER D 136 16.14 22.66 32.82
N ASP D 137 15.54 23.85 32.79
CA ASP D 137 15.29 24.53 31.53
C ASP D 137 16.59 25.00 30.89
N ILE D 138 16.64 24.95 29.57
CA ILE D 138 17.83 25.39 28.84
C ILE D 138 17.87 26.92 28.85
N VAL D 139 19.03 27.47 29.16
CA VAL D 139 19.21 28.92 29.27
C VAL D 139 19.98 29.39 28.05
N MET D 140 19.35 30.27 27.26
CA MET D 140 19.98 30.87 26.10
C MET D 140 20.50 32.26 26.48
N THR D 141 21.77 32.52 26.20
CA THR D 141 22.44 33.74 26.62
C THR D 141 22.93 34.50 25.41
N GLN D 142 22.48 35.75 25.28
CA GLN D 142 23.01 36.73 24.33
C GLN D 142 23.68 37.80 25.17
N ALA D 143 25.01 37.73 25.24
CA ALA D 143 25.80 38.53 26.18
C ALA D 143 25.67 40.03 25.92
N THR D 144 25.90 40.46 24.70
CA THR D 144 25.66 41.86 24.37
C THR D 144 24.19 42.10 24.06
N SER D 145 23.68 43.25 24.50
CA SER D 145 22.28 43.60 24.29
C SER D 145 22.08 44.68 23.25
N SER D 146 23.13 45.40 22.85
CA SER D 146 23.03 46.41 21.81
C SER D 146 24.37 46.54 21.10
N VAL D 147 24.33 46.46 19.77
CA VAL D 147 25.51 46.69 18.93
C VAL D 147 25.20 47.83 17.98
N PRO D 148 25.93 48.95 18.03
CA PRO D 148 25.75 49.99 17.02
C PRO D 148 26.36 49.55 15.71
N VAL D 149 25.64 49.78 14.60
CA VAL D 149 26.06 49.29 13.31
C VAL D 149 25.90 50.38 12.25
N THR D 150 26.67 50.24 11.18
CA THR D 150 26.67 51.14 10.04
C THR D 150 26.37 50.35 8.78
N PRO D 151 25.46 50.83 7.92
CA PRO D 151 25.09 50.09 6.71
C PRO D 151 26.27 49.77 5.79
N GLY D 152 26.29 48.53 5.29
CA GLY D 152 27.31 48.03 4.40
C GLY D 152 28.25 47.03 5.02
N GLU D 153 28.43 47.09 6.34
CA GLU D 153 29.38 46.26 7.05
C GLU D 153 28.79 44.87 7.30
N SER D 154 29.67 43.95 7.74
CA SER D 154 29.28 42.60 8.11
C SER D 154 29.33 42.50 9.62
N VAL D 155 28.27 41.97 10.22
CA VAL D 155 28.11 41.92 11.67
C VAL D 155 27.84 40.49 12.09
N SER D 156 28.34 40.11 13.27
CA SER D 156 28.09 38.80 13.85
C SER D 156 27.39 38.95 15.19
N ILE D 157 26.27 38.25 15.35
CA ILE D 157 25.51 38.18 16.58
C ILE D 157 25.77 36.80 17.17
N SER D 158 25.95 36.72 18.49
CA SER D 158 26.32 35.45 19.10
C SER D 158 25.32 35.02 20.16
N CYS D 159 25.15 33.71 20.28
CA CYS D 159 24.25 33.09 21.24
C CYS D 159 24.98 31.91 21.86
N ARG D 160 24.73 31.66 23.14
CA ARG D 160 25.29 30.48 23.78
C ARG D 160 24.21 29.76 24.56
N SER D 161 24.43 28.46 24.76
CA SER D 161 23.44 27.59 25.35
C SER D 161 24.02 26.88 26.57
N SER D 162 23.17 26.66 27.58
CA SER D 162 23.61 25.94 28.77
C SER D 162 23.72 24.44 28.54
N LYS D 163 23.04 23.93 27.51
CA LYS D 163 23.06 22.52 27.16
C LYS D 163 23.35 22.42 25.67
N SER D 164 24.03 21.34 25.26
CA SER D 164 24.34 21.13 23.85
C SER D 164 23.05 20.88 23.06
N LEU D 165 22.83 21.70 22.04
CA LEU D 165 21.64 21.58 21.20
C LEU D 165 21.81 20.61 20.05
N LEU D 166 23.02 20.06 19.86
CA LEU D 166 23.24 19.07 18.83
C LEU D 166 22.66 17.73 19.30
N HIS D 167 21.69 17.21 18.55
CA HIS D 167 21.05 15.96 18.88
C HIS D 167 21.81 14.81 18.20
N SER D 168 21.47 13.57 18.60
CA SER D 168 22.11 12.40 18.02
C SER D 168 21.68 12.14 16.58
N ASN D 169 20.58 12.73 16.12
CA ASN D 169 20.16 12.55 14.73
C ASN D 169 20.90 13.47 13.76
N GLY D 170 21.79 14.33 14.26
CA GLY D 170 22.54 15.24 13.41
C GLY D 170 22.01 16.65 13.39
N ASN D 171 20.83 16.89 13.95
CA ASN D 171 20.24 18.22 13.92
C ASN D 171 20.68 19.04 15.13
N THR D 172 20.84 20.34 14.90
CA THR D 172 21.14 21.31 15.95
C THR D 172 19.96 22.27 16.04
N TYR D 173 19.12 22.10 17.06
CA TYR D 173 17.81 22.77 17.10
C TYR D 173 17.94 24.16 17.71
N LEU D 174 18.39 25.10 16.88
CA LEU D 174 18.43 26.51 17.25
C LEU D 174 17.89 27.33 16.09
N TYR D 175 17.07 28.31 16.41
CA TYR D 175 16.34 29.10 15.44
C TYR D 175 16.67 30.56 15.69
N TRP D 176 16.80 31.34 14.62
CA TRP D 176 17.10 32.76 14.71
C TRP D 176 15.89 33.52 14.19
N PHE D 177 15.48 34.55 14.93
CA PHE D 177 14.34 35.39 14.61
C PHE D 177 14.74 36.86 14.65
N LEU D 178 14.11 37.65 13.77
CA LEU D 178 14.31 39.09 13.73
C LEU D 178 12.97 39.77 13.99
N GLN D 179 12.95 40.71 14.93
CA GLN D 179 11.79 41.55 15.20
C GLN D 179 12.17 42.98 14.86
N ARG D 180 11.58 43.50 13.79
CA ARG D 180 11.74 44.89 13.43
C ARG D 180 10.93 45.77 14.37
N PRO D 181 11.29 47.06 14.49
CA PRO D 181 10.52 47.96 15.37
C PRO D 181 9.08 48.14 14.90
N GLY D 182 8.15 47.78 15.78
CA GLY D 182 6.73 47.92 15.51
C GLY D 182 6.10 46.75 14.79
N GLN D 183 6.83 45.66 14.57
CA GLN D 183 6.31 44.52 13.83
C GLN D 183 6.42 43.25 14.67
N SER D 184 5.87 42.18 14.12
CA SER D 184 5.97 40.85 14.67
C SER D 184 7.30 40.21 14.28
N PRO D 185 7.80 39.26 15.07
CA PRO D 185 9.07 38.61 14.72
C PRO D 185 8.95 37.80 13.44
N GLN D 186 10.08 37.70 12.74
CA GLN D 186 10.18 36.99 11.47
C GLN D 186 11.24 35.90 11.61
N LEU D 187 10.91 34.70 11.13
CA LEU D 187 11.89 33.61 11.15
C LEU D 187 13.00 33.88 10.15
N LEU D 188 14.24 33.81 10.61
CA LEU D 188 15.39 33.99 9.74
C LEU D 188 16.11 32.68 9.48
N ILE D 189 16.50 31.95 10.54
CA ILE D 189 17.27 30.72 10.37
C ILE D 189 16.58 29.62 11.17
N TYR D 190 16.50 28.42 10.61
CA TYR D 190 15.93 27.28 11.32
C TYR D 190 16.94 26.15 11.33
N ARG D 191 17.03 25.47 12.47
CA ARG D 191 17.93 24.33 12.72
C ARG D 191 19.40 24.66 12.44
N MET D 192 19.82 25.82 12.95
CA MET D 192 21.18 26.38 13.00
C MET D 192 21.69 26.95 11.68
N SER D 193 21.58 26.23 10.56
CA SER D 193 22.19 26.69 9.33
C SER D 193 21.23 26.94 8.17
N ASN D 194 20.03 26.36 8.19
CA ASN D 194 19.12 26.48 7.06
C ASN D 194 18.50 27.87 7.00
N LEU D 195 18.49 28.46 5.81
CA LEU D 195 17.96 29.81 5.63
C LEU D 195 16.48 29.72 5.28
N ALA D 196 15.67 30.52 5.97
CA ALA D 196 14.21 30.45 5.81
C ALA D 196 13.78 30.99 4.44
N SER D 197 12.58 30.56 4.03
CA SER D 197 12.01 30.99 2.76
C SER D 197 11.68 32.49 2.78
N GLY D 198 12.07 33.19 1.72
CA GLY D 198 11.84 34.61 1.60
C GLY D 198 12.84 35.48 2.33
N VAL D 199 13.87 34.90 2.92
CA VAL D 199 14.91 35.65 3.62
C VAL D 199 16.09 35.80 2.67
N PRO D 200 16.69 37.00 2.57
CA PRO D 200 17.82 37.19 1.66
C PRO D 200 19.04 36.36 2.04
N ASP D 201 19.89 36.13 1.05
CA ASP D 201 21.02 35.22 1.17
C ASP D 201 22.17 35.78 2.00
N ARG D 202 22.08 37.03 2.46
CA ARG D 202 23.15 37.63 3.24
C ARG D 202 23.18 37.11 4.67
N PHE D 203 22.07 36.59 5.19
CA PHE D 203 22.04 36.02 6.52
C PHE D 203 22.59 34.60 6.50
N SER D 204 23.43 34.27 7.49
CA SER D 204 24.04 32.95 7.54
C SER D 204 24.20 32.53 8.99
N GLY D 205 23.94 31.27 9.29
CA GLY D 205 24.02 30.76 10.65
C GLY D 205 25.04 29.64 10.77
N SER D 206 25.82 29.69 11.84
CA SER D 206 26.81 28.66 12.14
C SER D 206 26.85 28.42 13.63
N GLY D 207 27.58 27.38 14.02
CA GLY D 207 27.80 27.11 15.43
C GLY D 207 28.17 25.66 15.65
N SER D 208 28.44 25.34 16.92
CA SER D 208 28.95 24.01 17.26
C SER D 208 28.43 23.58 18.64
N GLY D 209 27.21 23.05 18.65
CA GLY D 209 26.66 22.47 19.86
C GLY D 209 26.21 23.43 20.95
N THR D 210 27.13 24.27 21.42
CA THR D 210 26.86 25.18 22.53
C THR D 210 26.96 26.66 22.16
N ALA D 211 27.77 27.01 21.17
CA ALA D 211 28.00 28.40 20.79
C ALA D 211 27.65 28.58 19.32
N PHE D 212 26.90 29.63 19.02
CA PHE D 212 26.33 29.86 17.70
C PHE D 212 26.47 31.32 17.32
N THR D 213 26.52 31.55 16.00
CA THR D 213 26.70 32.89 15.46
C THR D 213 25.83 33.06 14.23
N LEU D 214 25.21 34.23 14.12
CA LEU D 214 24.48 34.66 12.93
C LEU D 214 25.26 35.81 12.31
N THR D 215 25.63 35.67 11.05
CA THR D 215 26.41 36.67 10.33
C THR D 215 25.54 37.32 9.26
N ILE D 216 25.43 38.65 9.34
CA ILE D 216 24.74 39.46 8.34
C ILE D 216 25.81 40.19 7.55
N SER D 217 25.99 39.82 6.29
CA SER D 217 26.92 40.52 5.42
C SER D 217 26.17 41.63 4.70
N ARG D 218 26.85 42.77 4.52
CA ARG D 218 26.35 43.94 3.79
C ARG D 218 25.02 44.43 4.37
N LEU D 219 25.10 44.85 5.63
CA LEU D 219 23.95 45.28 6.42
C LEU D 219 23.18 46.41 5.75
N GLU D 220 21.86 46.25 5.67
CA GLU D 220 20.96 47.25 5.12
C GLU D 220 20.12 47.86 6.23
N ALA D 221 19.44 48.96 5.90
CA ALA D 221 18.61 49.69 6.86
C ALA D 221 17.40 48.88 7.33
N GLU D 222 16.99 47.86 6.57
CA GLU D 222 15.87 47.02 6.95
C GLU D 222 16.28 45.84 7.84
N ASP D 223 17.51 45.84 8.34
CA ASP D 223 17.99 44.78 9.21
C ASP D 223 18.14 45.23 10.65
N VAL D 224 17.76 46.45 10.99
CA VAL D 224 17.82 46.92 12.37
C VAL D 224 16.66 46.34 13.14
N GLY D 225 16.84 46.20 14.46
CA GLY D 225 15.83 45.56 15.27
C GLY D 225 16.46 44.55 16.21
N VAL D 226 15.63 43.75 16.84
CA VAL D 226 16.09 42.83 17.87
C VAL D 226 16.19 41.42 17.29
N TYR D 227 17.28 40.72 17.59
CA TYR D 227 17.52 39.37 17.13
C TYR D 227 17.44 38.42 18.31
N TYR D 228 16.67 37.35 18.15
CA TYR D 228 16.44 36.37 19.21
C TYR D 228 16.89 34.99 18.75
N CYS D 229 17.65 34.31 19.60
CA CYS D 229 17.91 32.88 19.39
C CYS D 229 16.94 32.08 20.25
N MET D 230 16.57 30.90 19.74
CA MET D 230 15.60 30.04 20.41
C MET D 230 16.05 28.59 20.26
N GLN D 231 15.88 27.80 21.31
CA GLN D 231 16.12 26.37 21.21
C GLN D 231 14.80 25.64 21.00
N HIS D 232 14.84 24.58 20.20
CA HIS D 232 13.69 23.70 19.99
C HIS D 232 14.07 22.27 20.28
N LEU D 233 15.08 22.06 21.14
CA LEU D 233 15.53 20.72 21.46
C LEU D 233 14.52 20.00 22.37
N GLU D 234 13.98 20.70 23.35
CA GLU D 234 13.03 20.11 24.29
C GLU D 234 12.14 21.20 24.86
N TYR D 235 10.94 20.81 25.26
CA TYR D 235 10.00 21.73 25.89
C TYR D 235 10.34 21.89 27.37
N PRO D 236 10.19 23.11 27.93
CA PRO D 236 9.72 24.37 27.33
C PRO D 236 10.73 25.05 26.42
N LEU D 237 10.24 25.67 25.34
CA LEU D 237 11.11 26.40 24.45
C LEU D 237 11.50 27.73 25.09
N THR D 238 12.79 28.04 25.08
CA THR D 238 13.31 29.22 25.72
C THR D 238 14.02 30.11 24.70
N PHE D 239 13.83 31.41 24.84
CA PHE D 239 14.41 32.39 23.94
C PHE D 239 15.64 33.02 24.58
N GLY D 240 16.45 33.66 23.74
CA GLY D 240 17.50 34.52 24.24
C GLY D 240 16.96 35.85 24.71
N ALA D 241 17.85 36.64 25.31
CA ALA D 241 17.45 37.96 25.78
C ALA D 241 17.29 38.96 24.64
N GLY D 242 17.91 38.71 23.49
CA GLY D 242 17.76 39.58 22.35
C GLY D 242 18.91 40.56 22.19
N THR D 243 19.44 40.67 20.97
CA THR D 243 20.49 41.64 20.67
C THR D 243 19.89 42.69 19.75
N LYS D 244 19.99 43.95 20.15
CA LYS D 244 19.40 45.05 19.39
C LYS D 244 20.44 45.67 18.46
N LEU D 245 20.05 45.87 17.20
CA LEU D 245 20.87 46.55 16.22
C LEU D 245 20.21 47.88 15.90
N GLU D 246 20.95 48.97 16.08
CA GLU D 246 20.50 50.31 15.79
C GLU D 246 21.57 50.97 14.92
N LEU D 247 21.19 52.02 14.18
CA LEU D 247 22.12 52.72 13.31
C LEU D 247 23.13 53.54 14.12
N LYS D 248 24.00 54.23 13.38
CA LYS D 248 25.08 55.09 13.88
C LYS D 248 26.04 54.34 14.82
N THR E 4 16.44 8.67 23.00
CA THR E 4 15.12 8.78 22.41
C THR E 4 15.05 9.90 21.38
N LEU E 5 13.84 10.32 21.03
CA LEU E 5 13.62 11.29 19.96
C LEU E 5 13.60 12.70 20.52
N SER E 6 13.91 13.66 19.64
CA SER E 6 13.77 15.07 19.97
C SER E 6 12.30 15.48 19.82
N ALA E 7 12.02 16.75 20.11
CA ALA E 7 10.64 17.24 20.08
C ALA E 7 10.08 17.29 18.66
N GLU E 8 10.90 17.75 17.71
CA GLU E 8 10.48 17.80 16.32
C GLU E 8 10.34 16.39 15.74
N ASP E 9 11.16 15.44 16.20
CA ASP E 9 11.01 14.06 15.79
C ASP E 9 9.70 13.47 16.31
N LYS E 10 9.34 13.78 17.55
CA LYS E 10 8.07 13.30 18.11
C LYS E 10 6.89 13.90 17.38
N ALA E 11 6.97 15.18 17.01
CA ALA E 11 5.88 15.79 16.27
C ALA E 11 5.79 15.26 14.85
N ALA E 12 6.93 14.89 14.24
CA ALA E 12 6.90 14.25 12.94
C ALA E 12 6.28 12.86 13.01
N VAL E 13 6.56 12.12 14.08
CA VAL E 13 5.94 10.82 14.30
C VAL E 13 4.43 10.97 14.50
N GLU E 14 4.02 12.03 15.19
CA GLU E 14 2.58 12.29 15.38
C GLU E 14 1.90 12.64 14.06
N ARG E 15 2.57 13.41 13.21
CA ARG E 15 2.06 13.71 11.88
C ARG E 15 1.94 12.45 11.04
N SER E 16 2.92 11.55 11.15
CA SER E 16 2.86 10.27 10.45
C SER E 16 1.72 9.40 10.96
N LYS E 17 1.43 9.45 12.26
CA LYS E 17 0.29 8.72 12.81
C LYS E 17 -1.03 9.25 12.28
N MET E 18 -1.16 10.58 12.17
CA MET E 18 -2.38 11.15 11.62
C MET E 18 -2.54 10.81 10.14
N ILE E 19 -1.43 10.77 9.41
CA ILE E 19 -1.46 10.35 8.00
C ILE E 19 -1.89 8.89 7.89
N ASP E 20 -1.39 8.03 8.78
CA ASP E 20 -1.80 6.63 8.83
C ASP E 20 -3.31 6.49 9.10
N ARG E 21 -3.82 7.30 10.03
CA ARG E 21 -5.25 7.26 10.35
C ARG E 21 -6.11 7.69 9.17
N ASN E 22 -5.69 8.74 8.46
CA ASN E 22 -6.46 9.18 7.30
C ASN E 22 -6.37 8.19 6.14
N LEU E 23 -5.22 7.53 5.98
CA LEU E 23 -5.09 6.48 4.98
C LEU E 23 -5.98 5.29 5.29
N ARG E 24 -6.08 4.93 6.59
CA ARG E 24 -6.95 3.83 6.99
C ARG E 24 -8.42 4.16 6.74
N GLU E 25 -8.83 5.40 7.03
CA GLU E 25 -10.21 5.80 6.80
C GLU E 25 -10.55 5.83 5.30
N ASP E 26 -9.63 6.35 4.49
CA ASP E 26 -9.85 6.35 3.04
C ASP E 26 -9.84 4.93 2.47
N GLY E 27 -9.04 4.03 3.04
CA GLY E 27 -9.04 2.66 2.61
C GLY E 27 -10.33 1.93 2.94
N GLU E 28 -10.90 2.21 4.12
CA GLU E 28 -12.21 1.64 4.46
C GLU E 28 -13.30 2.17 3.54
N LYS E 29 -13.29 3.49 3.26
CA LYS E 29 -14.28 4.07 2.38
C LYS E 29 -14.14 3.56 0.94
N ALA E 30 -12.91 3.28 0.50
CA ALA E 30 -12.72 2.71 -0.82
C ALA E 30 -13.10 1.24 -0.87
N ALA E 31 -12.90 0.51 0.24
CA ALA E 31 -13.29 -0.89 0.30
C ALA E 31 -14.80 -1.06 0.35
N ARG E 32 -15.55 -0.06 0.80
CA ARG E 32 -17.00 -0.15 0.78
C ARG E 32 -17.63 0.14 -0.57
N GLU E 33 -16.86 0.22 -1.66
CA GLU E 33 -17.38 0.54 -2.98
C GLU E 33 -17.27 -0.66 -3.92
N VAL E 34 -18.13 -0.67 -4.94
CA VAL E 34 -18.19 -1.75 -5.91
C VAL E 34 -17.55 -1.30 -7.21
N LYS E 35 -16.54 -2.05 -7.68
CA LYS E 35 -15.79 -1.70 -8.88
C LYS E 35 -16.21 -2.59 -10.04
N LEU E 36 -16.63 -1.96 -11.14
CA LEU E 36 -17.05 -2.64 -12.35
C LEU E 36 -16.18 -2.19 -13.50
N LEU E 37 -15.70 -3.15 -14.29
CA LEU E 37 -14.95 -2.84 -15.50
C LEU E 37 -15.87 -3.03 -16.70
N LEU E 38 -16.12 -1.96 -17.45
CA LEU E 38 -17.01 -2.02 -18.60
C LEU E 38 -16.22 -2.27 -19.87
N LEU E 39 -16.42 -3.44 -20.48
CA LEU E 39 -15.78 -3.79 -21.74
C LEU E 39 -16.84 -4.08 -22.81
N GLY E 40 -16.36 -4.49 -23.97
CA GLY E 40 -17.22 -4.65 -25.12
C GLY E 40 -16.62 -3.88 -26.29
N ALA E 41 -16.83 -4.41 -27.49
CA ALA E 41 -16.28 -3.80 -28.70
C ALA E 41 -17.05 -2.52 -29.05
N GLY E 42 -16.48 -1.75 -29.97
CA GLY E 42 -17.07 -0.47 -30.33
C GLY E 42 -18.45 -0.61 -30.95
N GLU E 43 -19.30 0.38 -30.65
CA GLU E 43 -20.70 0.46 -31.11
C GLU E 43 -21.52 -0.74 -30.67
N SER E 44 -21.31 -1.19 -29.44
CA SER E 44 -22.05 -2.31 -28.86
C SER E 44 -23.13 -1.86 -27.89
N GLY E 45 -23.41 -0.57 -27.80
CA GLY E 45 -24.39 -0.09 -26.85
C GLY E 45 -23.86 0.37 -25.51
N LYS E 46 -22.53 0.44 -25.35
CA LYS E 46 -21.91 0.81 -24.07
C LYS E 46 -22.32 2.21 -23.63
N ASN E 47 -22.41 3.15 -24.58
CA ASN E 47 -22.75 4.54 -24.27
C ASN E 47 -24.16 4.63 -23.69
N THR E 48 -25.11 3.88 -24.27
CA THR E 48 -26.49 3.88 -23.78
C THR E 48 -26.54 3.31 -22.37
N ILE E 49 -25.72 2.27 -22.13
CA ILE E 49 -25.65 1.64 -20.81
C ILE E 49 -25.16 2.66 -19.78
N VAL E 50 -24.12 3.44 -20.15
CA VAL E 50 -23.57 4.46 -19.26
C VAL E 50 -24.61 5.53 -18.97
N LYS E 51 -25.38 5.92 -20.00
CA LYS E 51 -26.41 6.94 -19.82
C LYS E 51 -27.50 6.46 -18.86
N GLN E 52 -27.95 5.21 -19.04
CA GLN E 52 -28.96 4.65 -18.14
C GLN E 52 -28.45 4.56 -16.71
N MET E 53 -27.22 4.06 -16.52
CA MET E 53 -26.65 3.89 -15.18
C MET E 53 -26.47 5.23 -14.47
N LYS E 54 -26.11 6.28 -15.22
CA LYS E 54 -25.76 7.55 -14.60
C LYS E 54 -27.00 8.28 -14.07
N ILE E 55 -28.18 7.99 -14.60
CA ILE E 55 -29.41 8.58 -14.10
C ILE E 55 -30.17 7.55 -13.27
N THR E 182 -9.43 12.21 -22.84
CA THR E 182 -9.24 10.82 -23.25
C THR E 182 -8.88 9.93 -22.07
N GLY E 183 -8.40 8.71 -22.36
CA GLY E 183 -7.97 7.81 -21.31
C GLY E 183 -9.12 6.98 -20.75
N ILE E 184 -9.06 6.71 -19.46
CA ILE E 184 -10.08 5.92 -18.78
C ILE E 184 -11.15 6.84 -18.22
N VAL E 185 -12.41 6.47 -18.42
CA VAL E 185 -13.55 7.26 -17.98
C VAL E 185 -14.22 6.54 -16.81
N GLU E 186 -14.47 7.27 -15.73
CA GLU E 186 -15.06 6.70 -14.53
C GLU E 186 -16.44 7.30 -14.32
N THR E 187 -17.44 6.44 -14.13
CA THR E 187 -18.80 6.86 -13.81
C THR E 187 -19.12 6.41 -12.39
N HIS E 188 -19.57 7.35 -11.57
CA HIS E 188 -19.96 7.05 -10.20
C HIS E 188 -21.47 7.15 -10.06
N PHE E 189 -22.10 6.10 -9.53
CA PHE E 189 -23.52 6.17 -9.24
C PHE E 189 -23.79 5.46 -7.92
N THR E 190 -25.01 5.64 -7.41
CA THR E 190 -25.43 5.00 -6.16
C THR E 190 -26.83 4.46 -6.33
N PHE E 191 -26.98 3.15 -6.16
CA PHE E 191 -28.28 2.48 -6.23
C PHE E 191 -28.46 1.66 -4.97
N LYS E 192 -29.52 1.98 -4.22
CA LYS E 192 -29.96 1.23 -3.02
C LYS E 192 -28.86 1.26 -1.96
N ASP E 193 -28.36 2.46 -1.68
CA ASP E 193 -27.27 2.73 -0.74
C ASP E 193 -25.99 1.95 -1.07
N LEU E 194 -25.81 1.52 -2.32
CA LEU E 194 -24.57 0.91 -2.76
C LEU E 194 -23.93 1.80 -3.81
N HIS E 195 -22.64 2.09 -3.62
CA HIS E 195 -21.91 2.99 -4.51
C HIS E 195 -21.12 2.18 -5.53
N PHE E 196 -21.34 2.48 -6.81
CA PHE E 196 -20.74 1.77 -7.92
C PHE E 196 -19.82 2.72 -8.69
N LYS E 197 -18.60 2.25 -8.94
CA LYS E 197 -17.63 2.92 -9.80
C LYS E 197 -17.46 2.06 -11.04
N MET E 198 -17.76 2.62 -12.20
CA MET E 198 -17.68 1.89 -13.47
C MET E 198 -16.57 2.50 -14.30
N PHE E 199 -15.60 1.68 -14.70
CA PHE E 199 -14.43 2.13 -15.42
C PHE E 199 -14.52 1.67 -16.88
N ASP E 200 -14.64 2.64 -17.79
CA ASP E 200 -14.64 2.38 -19.22
C ASP E 200 -13.24 2.67 -19.76
N VAL E 201 -12.69 1.71 -20.50
CA VAL E 201 -11.34 1.78 -21.02
C VAL E 201 -11.33 1.69 -22.55
N GLY E 202 -12.45 2.04 -23.19
CA GLY E 202 -12.56 1.91 -24.64
C GLY E 202 -11.72 2.89 -25.41
N ALA E 203 -11.32 4.00 -24.79
CA ALA E 203 -10.50 4.99 -25.47
C ALA E 203 -9.03 4.59 -25.51
N GLN E 204 -8.61 3.65 -24.68
CA GLN E 204 -7.22 3.16 -24.67
C GLN E 204 -6.99 2.31 -25.90
N ARG E 205 -6.31 2.87 -26.90
CA ARG E 205 -5.99 2.17 -28.14
C ARG E 205 -4.66 1.45 -28.08
N SER E 206 -4.06 1.34 -26.91
CA SER E 206 -2.74 0.75 -26.75
C SER E 206 -2.87 -0.75 -26.51
N GLU E 207 -1.74 -1.41 -26.20
CA GLU E 207 -1.73 -2.85 -25.99
C GLU E 207 -2.43 -3.18 -24.67
N ARG E 208 -3.46 -4.03 -24.75
CA ARG E 208 -4.31 -4.28 -23.60
C ARG E 208 -3.62 -5.08 -22.51
N LYS E 209 -2.67 -5.94 -22.86
CA LYS E 209 -2.03 -6.81 -21.88
C LYS E 209 -1.03 -6.09 -20.98
N LYS E 210 -0.73 -4.82 -21.26
CA LYS E 210 0.18 -4.05 -20.44
C LYS E 210 -0.51 -3.28 -19.31
N TRP E 211 -1.83 -3.15 -19.35
CA TRP E 211 -2.54 -2.45 -18.29
C TRP E 211 -3.77 -3.19 -17.76
N ILE E 212 -4.03 -4.42 -18.23
CA ILE E 212 -5.25 -5.10 -17.80
C ILE E 212 -5.09 -5.61 -16.36
N HIS E 213 -3.86 -5.85 -15.93
CA HIS E 213 -3.59 -6.32 -14.57
C HIS E 213 -3.85 -5.25 -13.52
N CYS E 214 -4.06 -4.00 -13.93
CA CYS E 214 -4.51 -2.97 -13.01
C CYS E 214 -5.92 -3.26 -12.50
N PHE E 215 -6.73 -3.98 -13.28
CA PHE E 215 -8.12 -4.25 -12.92
C PHE E 215 -8.30 -5.65 -12.35
N GLU E 216 -7.26 -6.19 -11.70
CA GLU E 216 -7.31 -7.57 -11.22
C GLU E 216 -8.31 -7.75 -10.09
N GLY E 217 -8.50 -6.74 -9.25
CA GLY E 217 -9.37 -6.87 -8.11
C GLY E 217 -10.69 -6.12 -8.23
N VAL E 218 -11.22 -5.99 -9.45
CA VAL E 218 -12.53 -5.38 -9.60
C VAL E 218 -13.60 -6.34 -9.10
N THR E 219 -14.74 -5.78 -8.70
CA THR E 219 -15.82 -6.62 -8.21
C THR E 219 -16.48 -7.39 -9.34
N ALA E 220 -16.74 -6.74 -10.47
CA ALA E 220 -17.28 -7.48 -11.61
C ALA E 220 -16.90 -6.80 -12.92
N ILE E 221 -17.08 -7.54 -14.01
CA ILE E 221 -16.89 -7.04 -15.36
C ILE E 221 -18.25 -7.04 -16.06
N ILE E 222 -18.59 -5.91 -16.69
CA ILE E 222 -19.79 -5.80 -17.51
C ILE E 222 -19.34 -5.77 -18.95
N PHE E 223 -19.77 -6.75 -19.74
CA PHE E 223 -19.40 -6.86 -21.14
C PHE E 223 -20.65 -6.59 -21.98
N CYS E 224 -20.53 -5.68 -22.94
CA CYS E 224 -21.68 -5.30 -23.76
C CYS E 224 -21.53 -5.85 -25.18
N VAL E 225 -22.57 -6.54 -25.65
CA VAL E 225 -22.62 -7.10 -26.99
C VAL E 225 -23.89 -6.61 -27.67
N ALA E 226 -23.77 -6.18 -28.93
CA ALA E 226 -24.91 -5.74 -29.71
C ALA E 226 -25.38 -6.92 -30.55
N LEU E 227 -26.64 -7.33 -30.35
CA LEU E 227 -27.19 -8.47 -31.09
C LEU E 227 -27.33 -8.14 -32.58
N SER E 228 -27.61 -6.87 -32.89
CA SER E 228 -27.86 -6.42 -34.26
C SER E 228 -26.66 -6.61 -35.17
N ASP E 229 -25.47 -6.77 -34.60
CA ASP E 229 -24.23 -6.92 -35.33
C ASP E 229 -24.01 -8.36 -35.79
N TYR E 230 -25.03 -9.22 -35.66
CA TYR E 230 -24.87 -10.63 -36.04
C TYR E 230 -24.57 -10.78 -37.54
N ASP E 231 -25.20 -9.95 -38.38
CA ASP E 231 -25.02 -10.04 -39.81
C ASP E 231 -24.14 -8.93 -40.38
N LEU E 232 -23.72 -7.97 -39.55
CA LEU E 232 -22.84 -6.91 -39.99
C LEU E 232 -21.38 -7.39 -40.00
N VAL E 233 -20.51 -6.58 -40.59
CA VAL E 233 -19.10 -6.89 -40.73
C VAL E 233 -18.28 -5.70 -40.24
N LEU E 234 -17.04 -6.00 -39.86
CA LEU E 234 -16.12 -4.99 -39.35
C LEU E 234 -15.74 -4.02 -40.45
N ALA E 235 -15.83 -2.72 -40.16
CA ALA E 235 -15.39 -1.71 -41.12
C ALA E 235 -13.88 -1.77 -41.34
N GLU E 236 -13.11 -1.96 -40.26
CA GLU E 236 -11.65 -2.01 -40.36
C GLU E 236 -11.16 -3.21 -41.16
N ASP E 237 -11.73 -4.40 -40.90
CA ASP E 237 -11.27 -5.63 -41.53
C ASP E 237 -12.40 -6.21 -42.37
N GLU E 238 -12.14 -6.41 -43.66
CA GLU E 238 -13.15 -6.94 -44.57
C GLU E 238 -13.47 -8.40 -44.26
N GLU E 239 -14.75 -8.75 -44.42
CA GLU E 239 -15.28 -10.10 -44.23
C GLU E 239 -14.99 -10.65 -42.83
N MET E 240 -15.12 -9.79 -41.82
CA MET E 240 -14.93 -10.17 -40.42
C MET E 240 -16.20 -9.80 -39.64
N ASN E 241 -16.98 -10.82 -39.27
CA ASN E 241 -18.24 -10.61 -38.57
C ASN E 241 -17.98 -10.02 -37.19
N ARG E 242 -18.69 -8.93 -36.86
CA ARG E 242 -18.53 -8.26 -35.57
C ARG E 242 -18.88 -9.16 -34.39
N MET E 243 -19.78 -10.13 -34.57
CA MET E 243 -20.07 -11.10 -33.51
C MET E 243 -18.87 -12.01 -33.26
N HIS E 244 -18.12 -12.37 -34.30
CA HIS E 244 -16.93 -13.18 -34.08
C HIS E 244 -15.83 -12.38 -33.39
N ALA E 245 -15.75 -11.07 -33.66
CA ALA E 245 -14.81 -10.23 -32.94
C ALA E 245 -15.21 -10.07 -31.48
N SER E 246 -16.52 -9.95 -31.22
CA SER E 246 -17.01 -9.88 -29.84
C SER E 246 -16.76 -11.19 -29.11
N MET E 247 -16.93 -12.33 -29.79
CA MET E 247 -16.65 -13.62 -29.18
C MET E 247 -15.17 -13.79 -28.91
N LYS E 248 -14.32 -13.27 -29.80
CA LYS E 248 -12.87 -13.34 -29.58
C LYS E 248 -12.44 -12.48 -28.40
N LEU E 249 -13.02 -11.28 -28.26
CA LEU E 249 -12.69 -10.42 -27.12
C LEU E 249 -13.21 -11.00 -25.81
N PHE E 250 -14.42 -11.57 -25.84
CA PHE E 250 -14.99 -12.21 -24.66
C PHE E 250 -14.19 -13.44 -24.24
N ASP E 251 -13.72 -14.22 -25.22
CA ASP E 251 -12.88 -15.37 -24.91
C ASP E 251 -11.50 -14.94 -24.43
N SER E 252 -11.01 -13.80 -24.90
CA SER E 252 -9.71 -13.30 -24.46
C SER E 252 -9.77 -12.85 -23.00
N ILE E 253 -10.80 -12.11 -22.62
CA ILE E 253 -10.84 -11.60 -21.25
C ILE E 253 -11.43 -12.61 -20.26
N CYS E 254 -12.27 -13.54 -20.72
CA CYS E 254 -12.90 -14.48 -19.79
C CYS E 254 -11.91 -15.53 -19.33
N ASN E 255 -11.07 -16.02 -20.24
CA ASN E 255 -10.04 -17.00 -19.92
C ASN E 255 -8.70 -16.35 -19.66
N ASN E 256 -8.70 -15.04 -19.39
CA ASN E 256 -7.50 -14.31 -19.05
C ASN E 256 -6.98 -14.75 -17.69
N LYS E 257 -5.67 -14.61 -17.50
CA LYS E 257 -5.03 -15.09 -16.27
C LYS E 257 -5.31 -14.20 -15.07
N TRP E 258 -5.77 -12.97 -15.28
CA TRP E 258 -6.04 -12.07 -14.18
C TRP E 258 -7.49 -12.11 -13.71
N PHE E 259 -8.39 -12.64 -14.53
CA PHE E 259 -9.83 -12.64 -14.24
C PHE E 259 -10.36 -14.05 -14.00
N THR E 260 -9.57 -14.89 -13.33
CA THR E 260 -9.96 -16.29 -13.12
C THR E 260 -11.20 -16.40 -12.24
N ASP E 261 -11.27 -15.59 -11.17
CA ASP E 261 -12.40 -15.63 -10.25
C ASP E 261 -13.41 -14.51 -10.48
N THR E 262 -13.08 -13.52 -11.31
CA THR E 262 -13.96 -12.37 -11.54
C THR E 262 -15.18 -12.80 -12.33
N SER E 263 -16.37 -12.54 -11.80
CA SER E 263 -17.60 -12.81 -12.54
C SER E 263 -17.80 -11.80 -13.66
N ILE E 264 -18.56 -12.21 -14.67
CA ILE E 264 -18.84 -11.38 -15.85
C ILE E 264 -20.35 -11.20 -15.97
N ILE E 265 -20.79 -9.94 -16.09
CA ILE E 265 -22.18 -9.60 -16.36
C ILE E 265 -22.28 -9.32 -17.86
N LEU E 266 -23.01 -10.17 -18.57
CA LEU E 266 -23.11 -10.07 -20.03
C LEU E 266 -24.41 -9.40 -20.43
N PHE E 267 -24.30 -8.25 -21.10
CA PHE E 267 -25.46 -7.53 -21.61
C PHE E 267 -25.57 -7.73 -23.11
N LEU E 268 -26.67 -8.32 -23.54
CA LEU E 268 -26.97 -8.49 -24.97
C LEU E 268 -27.89 -7.34 -25.36
N ASN E 269 -27.31 -6.28 -25.94
CA ASN E 269 -28.06 -5.09 -26.27
C ASN E 269 -28.80 -5.24 -27.59
N LYS E 270 -29.68 -4.26 -27.87
CA LYS E 270 -30.41 -4.12 -29.14
C LYS E 270 -31.27 -5.35 -29.47
N LYS E 271 -32.00 -5.86 -28.47
CA LYS E 271 -32.90 -6.99 -28.72
C LYS E 271 -34.01 -6.62 -29.71
N ASP E 272 -34.54 -5.39 -29.63
CA ASP E 272 -35.60 -4.96 -30.53
C ASP E 272 -35.13 -4.92 -31.98
N LEU E 273 -34.02 -4.21 -32.24
CA LEU E 273 -33.39 -4.19 -33.57
C LEU E 273 -33.10 -5.60 -34.07
N PHE E 274 -32.60 -6.47 -33.18
CA PHE E 274 -32.33 -7.87 -33.53
C PHE E 274 -33.60 -8.58 -33.94
N GLU E 275 -34.70 -8.33 -33.22
CA GLU E 275 -35.98 -8.98 -33.48
C GLU E 275 -36.51 -8.56 -34.84
N GLU E 276 -36.40 -7.26 -35.16
CA GLU E 276 -36.82 -6.78 -36.47
C GLU E 276 -35.94 -7.36 -37.58
N LYS E 277 -34.61 -7.36 -37.37
CA LYS E 277 -33.67 -7.83 -38.39
C LYS E 277 -33.80 -9.33 -38.66
N ILE E 278 -34.05 -10.13 -37.61
CA ILE E 278 -34.07 -11.60 -37.73
C ILE E 278 -35.15 -12.09 -38.68
N LYS E 279 -36.28 -11.37 -38.79
CA LYS E 279 -37.36 -11.80 -39.67
C LYS E 279 -36.94 -11.72 -41.14
N LYS E 280 -36.14 -10.72 -41.48
CA LYS E 280 -35.64 -10.59 -42.85
C LYS E 280 -34.39 -11.44 -43.07
N SER E 281 -33.33 -11.16 -42.31
CA SER E 281 -32.03 -11.81 -42.43
C SER E 281 -31.91 -12.98 -41.45
N PRO E 282 -31.36 -14.11 -41.88
CA PRO E 282 -31.25 -15.28 -41.01
C PRO E 282 -30.00 -15.24 -40.14
N LEU E 283 -30.06 -16.05 -39.06
CA LEU E 283 -28.92 -16.17 -38.15
C LEU E 283 -27.77 -16.96 -38.75
N THR E 284 -28.03 -17.72 -39.83
CA THR E 284 -27.01 -18.60 -40.40
C THR E 284 -25.90 -17.85 -41.12
N ILE E 285 -26.02 -16.54 -41.29
CA ILE E 285 -24.90 -15.74 -41.80
C ILE E 285 -23.75 -15.74 -40.80
N CYS E 286 -24.06 -15.56 -39.51
CA CYS E 286 -23.04 -15.59 -38.48
C CYS E 286 -22.63 -17.02 -38.13
N TYR E 287 -23.59 -17.84 -37.71
CA TYR E 287 -23.31 -19.21 -37.29
C TYR E 287 -23.82 -20.18 -38.36
N PRO E 288 -22.95 -20.77 -39.17
CA PRO E 288 -23.42 -21.72 -40.19
C PRO E 288 -23.92 -23.04 -39.62
N GLU E 289 -23.51 -23.41 -38.41
CA GLU E 289 -23.97 -24.62 -37.76
C GLU E 289 -25.32 -24.46 -37.06
N TYR E 290 -25.99 -23.31 -37.22
CA TYR E 290 -27.29 -23.11 -36.59
C TYR E 290 -28.36 -23.91 -37.30
N ALA E 291 -29.22 -24.58 -36.53
CA ALA E 291 -30.25 -25.44 -37.07
C ALA E 291 -31.65 -25.14 -36.56
N GLY E 292 -31.80 -24.32 -35.52
CA GLY E 292 -33.09 -24.05 -34.94
C GLY E 292 -33.96 -23.12 -35.76
N SER E 293 -35.00 -22.60 -35.10
CA SER E 293 -35.96 -21.72 -35.75
C SER E 293 -35.34 -20.34 -36.00
N ASN E 294 -35.92 -19.63 -36.95
CA ASN E 294 -35.49 -18.27 -37.30
C ASN E 294 -36.39 -17.23 -36.64
N THR E 295 -36.57 -17.35 -35.33
CA THR E 295 -37.39 -16.42 -34.56
C THR E 295 -36.50 -15.70 -33.54
N TYR E 296 -37.13 -14.91 -32.67
CA TYR E 296 -36.37 -14.08 -31.74
C TYR E 296 -35.83 -14.92 -30.58
N GLU E 297 -36.68 -15.74 -29.95
CA GLU E 297 -36.31 -16.42 -28.72
C GLU E 297 -35.24 -17.49 -28.96
N GLU E 298 -35.40 -18.30 -30.02
CA GLU E 298 -34.47 -19.38 -30.29
C GLU E 298 -33.10 -18.84 -30.69
N ALA E 299 -33.08 -17.79 -31.53
CA ALA E 299 -31.81 -17.20 -31.94
C ALA E 299 -31.13 -16.49 -30.79
N ALA E 300 -31.92 -15.82 -29.92
CA ALA E 300 -31.34 -15.15 -28.77
C ALA E 300 -30.75 -16.14 -27.78
N ALA E 301 -31.45 -17.27 -27.54
CA ALA E 301 -30.92 -18.30 -26.67
C ALA E 301 -29.69 -18.98 -27.27
N TYR E 302 -29.65 -19.12 -28.61
CA TYR E 302 -28.48 -19.70 -29.25
C TYR E 302 -27.27 -18.77 -29.15
N ILE E 303 -27.49 -17.46 -29.30
CA ILE E 303 -26.40 -16.49 -29.17
C ILE E 303 -25.89 -16.46 -27.72
N GLN E 304 -26.82 -16.52 -26.75
CA GLN E 304 -26.44 -16.55 -25.34
C GLN E 304 -25.64 -17.82 -25.02
N CYS E 305 -26.06 -18.95 -25.56
CA CYS E 305 -25.33 -20.21 -25.41
C CYS E 305 -23.93 -20.12 -26.03
N GLN E 306 -23.81 -19.49 -27.21
CA GLN E 306 -22.49 -19.37 -27.83
C GLN E 306 -21.56 -18.38 -27.11
N PHE E 307 -22.10 -17.45 -26.34
CA PHE E 307 -21.19 -16.68 -25.48
C PHE E 307 -20.87 -17.44 -24.18
N GLU E 308 -21.86 -18.05 -23.54
CA GLU E 308 -21.63 -18.72 -22.26
C GLU E 308 -20.82 -20.01 -22.36
N ASP E 309 -20.76 -20.67 -23.52
CA ASP E 309 -19.91 -21.86 -23.59
C ASP E 309 -18.43 -21.53 -23.78
N LEU E 310 -18.09 -20.26 -24.05
CA LEU E 310 -16.69 -19.86 -24.17
C LEU E 310 -15.98 -19.81 -22.83
N ASN E 311 -16.73 -19.79 -21.73
CA ASN E 311 -16.15 -19.82 -20.39
C ASN E 311 -15.53 -21.18 -20.13
N LYS E 312 -14.20 -21.21 -19.98
CA LYS E 312 -13.53 -22.48 -19.73
C LYS E 312 -13.54 -22.81 -18.24
N ARG E 313 -13.32 -21.80 -17.40
CA ARG E 313 -13.26 -21.98 -15.95
C ARG E 313 -14.66 -21.81 -15.36
N LYS E 314 -15.54 -22.76 -15.70
CA LYS E 314 -16.94 -22.68 -15.31
C LYS E 314 -17.13 -22.73 -13.79
N ASP E 315 -16.31 -23.51 -13.10
CA ASP E 315 -16.42 -23.66 -11.65
C ASP E 315 -16.10 -22.35 -10.92
N THR E 316 -15.01 -21.68 -11.30
CA THR E 316 -14.56 -20.50 -10.57
C THR E 316 -15.47 -19.29 -10.77
N LYS E 317 -16.00 -19.09 -11.98
CA LYS E 317 -16.72 -17.86 -12.29
C LYS E 317 -18.07 -18.16 -12.91
N GLU E 318 -19.01 -17.24 -12.68
CA GLU E 318 -20.35 -17.31 -13.23
C GLU E 318 -20.52 -16.20 -14.27
N ILE E 319 -21.43 -16.44 -15.21
CA ILE E 319 -21.79 -15.44 -16.22
C ILE E 319 -23.27 -15.12 -16.07
N TYR E 320 -23.56 -13.88 -15.72
CA TYR E 320 -24.94 -13.40 -15.58
C TYR E 320 -25.30 -12.72 -16.89
N THR E 321 -26.21 -13.34 -17.64
CA THR E 321 -26.65 -12.80 -18.92
C THR E 321 -27.98 -12.07 -18.76
N HIS E 322 -28.06 -10.88 -19.35
CA HIS E 322 -29.30 -10.11 -19.37
C HIS E 322 -29.49 -9.49 -20.74
N PHE E 323 -30.75 -9.43 -21.18
CA PHE E 323 -31.11 -8.74 -22.41
C PHE E 323 -31.61 -7.36 -22.01
N THR E 324 -30.90 -6.31 -22.41
CA THR E 324 -31.18 -4.95 -21.96
C THR E 324 -32.58 -4.52 -22.42
N CYS E 325 -33.38 -4.05 -21.47
CA CYS E 325 -34.78 -3.78 -21.76
C CYS E 325 -35.05 -2.35 -22.22
N SER E 326 -34.19 -1.40 -21.82
CA SER E 326 -34.19 0.05 -22.11
C SER E 326 -35.25 0.74 -21.26
N THR E 327 -35.92 0.02 -20.36
CA THR E 327 -36.95 0.57 -19.50
C THR E 327 -36.31 1.22 -18.27
N ASP E 328 -37.13 1.55 -17.28
CA ASP E 328 -36.70 2.31 -16.12
C ASP E 328 -36.17 1.38 -15.04
N THR E 329 -34.86 1.45 -14.81
CA THR E 329 -34.07 0.84 -13.73
C THR E 329 -33.93 -0.68 -13.80
N LYS E 330 -34.42 -1.35 -14.84
CA LYS E 330 -34.26 -2.80 -14.95
C LYS E 330 -32.78 -3.20 -15.07
N ASN E 331 -32.01 -2.44 -15.87
CA ASN E 331 -30.60 -2.77 -16.09
C ASN E 331 -29.80 -2.61 -14.80
N VAL E 332 -29.97 -1.47 -14.12
CA VAL E 332 -29.25 -1.23 -12.87
C VAL E 332 -29.70 -2.23 -11.80
N GLN E 333 -31.00 -2.60 -11.79
CA GLN E 333 -31.48 -3.59 -10.85
C GLN E 333 -30.82 -4.95 -11.09
N PHE E 334 -30.65 -5.34 -12.36
CA PHE E 334 -29.93 -6.56 -12.69
C PHE E 334 -28.49 -6.50 -12.20
N VAL E 335 -27.82 -5.35 -12.43
CA VAL E 335 -26.45 -5.16 -11.96
C VAL E 335 -26.39 -5.29 -10.45
N PHE E 336 -27.37 -4.72 -9.75
CA PHE E 336 -27.43 -4.77 -8.29
C PHE E 336 -27.56 -6.21 -7.81
N ASP E 337 -28.47 -6.97 -8.45
CA ASP E 337 -28.69 -8.37 -8.07
C ASP E 337 -27.44 -9.23 -8.32
N ALA E 338 -26.79 -9.03 -9.48
CA ALA E 338 -25.60 -9.81 -9.79
C ALA E 338 -24.43 -9.45 -8.87
N VAL E 339 -24.30 -8.17 -8.52
CA VAL E 339 -23.25 -7.75 -7.59
C VAL E 339 -23.53 -8.28 -6.19
N THR E 340 -24.80 -8.31 -5.78
CA THR E 340 -25.16 -8.89 -4.50
C THR E 340 -24.84 -10.39 -4.46
N ASP E 341 -25.07 -11.09 -5.57
CA ASP E 341 -24.71 -12.50 -5.65
C ASP E 341 -23.20 -12.70 -5.59
N VAL E 342 -22.44 -11.82 -6.23
CA VAL E 342 -20.97 -11.89 -6.18
C VAL E 342 -20.46 -11.62 -4.76
N ILE E 343 -21.07 -10.65 -4.06
CA ILE E 343 -20.67 -10.33 -2.69
C ILE E 343 -21.00 -11.49 -1.75
N ILE E 344 -22.15 -12.15 -1.97
CA ILE E 344 -22.49 -13.36 -1.21
C ILE E 344 -21.44 -14.45 -1.44
N LYS E 345 -21.12 -14.74 -2.72
CA LYS E 345 -20.16 -15.78 -3.04
C LYS E 345 -18.77 -15.47 -2.49
N ASN E 346 -18.43 -14.18 -2.37
CA ASN E 346 -17.10 -13.82 -1.87
C ASN E 346 -17.06 -13.86 -0.35
N ASN E 347 -18.20 -13.56 0.30
CA ASN E 347 -18.30 -13.73 1.75
C ASN E 347 -18.24 -15.21 2.10
N LEU E 348 -18.90 -16.04 1.29
CA LEU E 348 -18.85 -17.50 1.48
C LEU E 348 -17.41 -18.00 1.37
N LYS E 349 -16.69 -17.53 0.34
CA LYS E 349 -15.29 -17.92 0.17
C LYS E 349 -14.43 -17.44 1.34
N ASP E 350 -14.69 -16.22 1.83
CA ASP E 350 -13.95 -15.69 2.96
C ASP E 350 -14.25 -16.44 4.25
N CYS E 351 -15.51 -16.78 4.48
CA CYS E 351 -15.91 -17.54 5.66
C CYS E 351 -15.55 -19.03 5.59
N GLY E 352 -14.90 -19.49 4.53
CA GLY E 352 -14.50 -20.88 4.42
C GLY E 352 -15.57 -21.85 4.01
N LEU E 353 -16.84 -21.40 3.90
CA LEU E 353 -17.91 -22.32 3.53
C LEU E 353 -17.88 -22.71 2.05
N PHE E 354 -17.18 -21.94 1.23
CA PHE E 354 -17.14 -22.20 -0.21
C PHE E 354 -15.71 -22.23 -0.71
#